data_7YD9
#
_entry.id   7YD9
#
_cell.length_a   58.552
_cell.length_b   148.300
_cell.length_c   64.300
_cell.angle_alpha   90.000
_cell.angle_beta   100.340
_cell.angle_gamma   90.000
#
_symmetry.space_group_name_H-M   'P 1 21 1'
#
loop_
_entity.id
_entity.type
_entity.pdbx_description
1 polymer 'Bifunctional cytochrome P450/NADPH--P450 reductase'
2 non-polymer 'PROTOPORPHYRIN IX CONTAINING FE'
3 non-polymer '(2S)-2-(6-imidazol-1-ylhexanoylamino)-3-phenyl-propanoic acid'
4 non-polymer HYDROXYAMINE
5 non-polymer TOLUENE
6 water water
#
_entity_poly.entity_id   1
_entity_poly.type   'polypeptide(L)'
_entity_poly.pdbx_seq_one_letter_code
;MGMTIKEMPQPKTFGELKNLPLLNTDKPVQALMKIADELGEIFKFEAPGRVTRYLSSQRLIKEACDESRFDKNLSQALKF
VRDFAGDGLGTSWTHEKNWKKAHNILLPSFSQQAMKGYHAMMVDIAVQLVQKWERLNADEHIEVPEDMTRLTLDTIGLCG
FNYRFNSFYRDQPHPFITSMVRALDEVMNKLQRANPDDPAYDENKRQFQEDIKVMNDLVDKIIADRKASGEQSDDLLTHM
LNGKDPETGEPLDDENIRYQIITFLIAGHEVTSGLLSFALYFLVKNPHVLQKAAEEAARVLVDPVPSYKQVKQLKYVGMV
LNEALRLWPTVPAFSLYAKEDTVLGGEYPLEKGDELMVLIPQLHRDKTIWGDDVEEFRPERFENPSAIPQHAFKPFGNGQ
RACIGQQFALHEATLVLGMMLKHFDFEDHTNYELDIKETLTLKPEGFVVKAKSKKIPLLEHHHHHH
;
_entity_poly.pdbx_strand_id   A,B
#
# COMPACT_ATOMS: atom_id res chain seq x y z
N LYS A 6 28.92 17.97 -8.49
CA LYS A 6 29.75 17.01 -9.23
C LYS A 6 29.31 16.91 -10.69
N GLU A 7 30.29 16.79 -11.59
CA GLU A 7 30.01 16.60 -13.01
C GLU A 7 29.98 15.10 -13.32
N MET A 8 28.86 14.63 -13.87
CA MET A 8 28.69 13.20 -14.08
C MET A 8 29.45 12.75 -15.31
N PRO A 9 29.99 11.53 -15.29
CA PRO A 9 30.73 11.02 -16.45
C PRO A 9 29.79 10.75 -17.62
N GLN A 10 30.42 10.49 -18.77
CA GLN A 10 29.72 10.20 -19.98
C GLN A 10 30.53 9.21 -20.82
N PRO A 11 29.90 8.17 -21.36
CA PRO A 11 30.65 7.21 -22.19
C PRO A 11 31.14 7.84 -23.49
N LYS A 12 31.95 7.07 -24.21
CA LYS A 12 32.62 7.55 -25.41
C LYS A 12 31.61 8.08 -26.44
N THR A 13 32.03 9.08 -27.21
CA THR A 13 31.16 9.76 -28.16
C THR A 13 31.64 9.55 -29.60
N PHE A 14 30.73 9.84 -30.54
CA PHE A 14 30.92 9.64 -31.98
C PHE A 14 30.59 10.91 -32.74
N GLY A 15 31.31 11.99 -32.45
CA GLY A 15 31.03 13.24 -33.13
C GLY A 15 29.60 13.66 -32.92
N GLU A 16 28.94 14.05 -34.01
CA GLU A 16 27.59 14.59 -33.93
C GLU A 16 26.54 13.55 -33.52
N LEU A 17 26.85 12.26 -33.65
CA LEU A 17 25.93 11.24 -33.17
C LEU A 17 26.02 11.03 -31.66
N LYS A 18 26.94 11.70 -30.99
CA LYS A 18 27.09 11.67 -29.52
C LYS A 18 27.19 10.19 -29.11
N ASN A 19 26.37 9.72 -28.16
CA ASN A 19 26.46 8.34 -27.69
C ASN A 19 25.57 7.38 -28.45
N LEU A 20 24.76 7.86 -29.40
CA LEU A 20 23.76 6.99 -30.02
C LEU A 20 24.35 5.70 -30.57
N PRO A 21 25.49 5.69 -31.27
CA PRO A 21 25.98 4.42 -31.84
C PRO A 21 26.23 3.35 -30.80
N LEU A 22 26.36 3.72 -29.51
CA LEU A 22 26.54 2.70 -28.47
C LEU A 22 25.34 1.79 -28.34
N LEU A 23 24.17 2.24 -28.80
CA LEU A 23 22.96 1.44 -28.78
C LEU A 23 22.80 0.57 -30.01
N ASN A 24 23.64 0.76 -31.02
CA ASN A 24 23.57 -0.05 -32.22
C ASN A 24 24.41 -1.31 -32.01
N THR A 25 23.84 -2.19 -31.18
CA THR A 25 24.51 -3.39 -30.69
C THR A 25 23.43 -4.45 -30.43
N ASP A 26 23.82 -5.72 -30.50
CA ASP A 26 22.84 -6.80 -30.29
C ASP A 26 22.27 -6.80 -28.88
N LYS A 27 23.02 -6.30 -27.90
CA LYS A 27 22.67 -6.46 -26.49
C LYS A 27 22.80 -5.12 -25.77
N PRO A 28 21.91 -4.16 -26.09
CA PRO A 28 22.08 -2.81 -25.56
C PRO A 28 21.98 -2.71 -24.05
N VAL A 29 21.09 -3.47 -23.40
CA VAL A 29 21.02 -3.40 -21.94
C VAL A 29 22.32 -3.88 -21.32
N GLN A 30 22.86 -4.98 -21.84
CA GLN A 30 24.12 -5.47 -21.30
C GLN A 30 25.25 -4.49 -21.61
N ALA A 31 25.18 -3.79 -22.75
CA ALA A 31 26.17 -2.77 -23.01
C ALA A 31 26.08 -1.62 -22.02
N LEU A 32 24.85 -1.22 -21.67
CA LEU A 32 24.66 -0.15 -20.70
C LEU A 32 25.11 -0.58 -19.31
N MET A 33 24.92 -1.85 -18.97
CA MET A 33 25.42 -2.34 -17.70
C MET A 33 26.95 -2.28 -17.65
N LYS A 34 27.59 -2.61 -18.76
CA LYS A 34 29.05 -2.52 -18.81
C LYS A 34 29.52 -1.08 -18.63
N ILE A 35 28.84 -0.14 -19.28
CA ILE A 35 29.18 1.27 -19.09
C ILE A 35 29.01 1.68 -17.63
N ALA A 36 27.91 1.26 -17.01
CA ALA A 36 27.74 1.57 -15.58
C ALA A 36 28.87 0.97 -14.75
N ASP A 37 29.29 -0.27 -15.06
CA ASP A 37 30.42 -0.86 -14.37
C ASP A 37 31.64 0.04 -14.48
N GLU A 38 31.83 0.66 -15.65
CA GLU A 38 33.03 1.45 -15.89
C GLU A 38 32.92 2.84 -15.27
N LEU A 39 31.73 3.46 -15.34
CA LEU A 39 31.58 4.86 -14.98
C LEU A 39 30.94 5.09 -13.62
N GLY A 40 30.15 4.17 -13.11
CA GLY A 40 29.62 4.30 -11.78
C GLY A 40 28.12 4.58 -11.78
N GLU A 41 27.67 5.14 -10.66
CA GLU A 41 26.25 5.16 -10.31
C GLU A 41 25.41 6.08 -11.18
N ILE A 42 26.03 6.98 -11.93
CA ILE A 42 25.27 7.85 -12.84
C ILE A 42 26.14 8.23 -14.02
N PHE A 43 25.56 8.21 -15.22
CA PHE A 43 26.29 8.72 -16.37
C PHE A 43 25.30 9.38 -17.33
N LYS A 44 25.77 10.44 -17.98
CA LYS A 44 24.98 11.15 -18.99
C LYS A 44 25.03 10.36 -20.29
N PHE A 45 23.89 10.32 -20.98
CA PHE A 45 23.80 9.65 -22.28
C PHE A 45 23.07 10.58 -23.23
N GLU A 46 23.74 10.93 -24.33
CA GLU A 46 23.25 11.93 -25.26
C GLU A 46 23.06 11.30 -26.63
N ALA A 47 22.01 11.72 -27.32
CA ALA A 47 21.80 11.40 -28.73
C ALA A 47 21.27 12.65 -29.42
N PRO A 48 21.22 12.68 -30.74
CA PRO A 48 20.62 13.84 -31.43
C PRO A 48 19.24 14.19 -30.88
N GLY A 49 19.11 15.40 -30.31
CA GLY A 49 17.84 15.83 -29.74
C GLY A 49 17.42 15.15 -28.46
N ARG A 50 18.34 14.50 -27.74
CA ARG A 50 17.99 13.77 -26.53
C ARG A 50 19.12 13.86 -25.51
N VAL A 51 18.74 13.94 -24.24
CA VAL A 51 19.68 13.83 -23.14
C VAL A 51 19.00 13.05 -22.02
N THR A 52 19.64 11.99 -21.53
CA THR A 52 19.14 11.33 -20.35
C THR A 52 20.31 10.98 -19.45
N ARG A 53 20.00 10.47 -18.27
CA ARG A 53 20.99 10.11 -17.26
C ARG A 53 20.63 8.74 -16.74
N TYR A 54 21.56 7.79 -16.85
CA TYR A 54 21.35 6.43 -16.40
C TYR A 54 21.79 6.29 -14.95
N LEU A 55 20.87 5.84 -14.10
CA LEU A 55 21.10 5.62 -12.66
C LEU A 55 21.22 4.14 -12.35
N SER A 56 22.21 3.78 -11.53
CA SER A 56 22.46 2.40 -11.19
C SER A 56 22.65 2.12 -9.70
N SER A 57 22.61 3.13 -8.83
CA SER A 57 22.83 2.91 -7.41
C SER A 57 21.53 3.11 -6.65
N GLN A 58 21.35 2.32 -5.59
CA GLN A 58 20.19 2.53 -4.73
C GLN A 58 20.20 3.92 -4.12
N ARG A 59 21.40 4.47 -3.88
CA ARG A 59 21.49 5.79 -3.25
C ARG A 59 20.73 6.84 -4.04
N LEU A 60 20.90 6.83 -5.36
CA LEU A 60 20.22 7.81 -6.20
C LEU A 60 18.83 7.36 -6.59
N ILE A 61 18.67 6.07 -6.88
CA ILE A 61 17.36 5.61 -7.32
C ILE A 61 16.33 5.75 -6.21
N LYS A 62 16.73 5.68 -4.94
CA LYS A 62 15.72 5.88 -3.89
C LYS A 62 15.16 7.29 -3.93
N GLU A 63 15.96 8.28 -4.35
CA GLU A 63 15.44 9.63 -4.53
C GLU A 63 14.60 9.75 -5.80
N ALA A 64 15.04 9.11 -6.89
CA ALA A 64 14.29 9.17 -8.13
C ALA A 64 12.89 8.60 -7.96
N CYS A 65 12.72 7.67 -7.02
CA CYS A 65 11.44 7.01 -6.79
C CYS A 65 10.48 7.82 -5.92
N ASP A 66 10.90 9.01 -5.48
CA ASP A 66 10.04 9.94 -4.74
C ASP A 66 9.03 10.55 -5.70
N GLU A 67 7.76 10.16 -5.58
CA GLU A 67 6.76 10.56 -6.56
C GLU A 67 6.39 12.03 -6.46
N SER A 68 6.74 12.71 -5.36
CA SER A 68 6.53 14.15 -5.32
C SER A 68 7.55 14.92 -6.14
N ARG A 69 8.65 14.27 -6.54
CA ARG A 69 9.72 14.93 -7.27
C ARG A 69 9.88 14.44 -8.70
N PHE A 70 9.47 13.20 -8.98
CA PHE A 70 9.66 12.59 -10.30
C PHE A 70 8.41 11.82 -10.69
N ASP A 71 8.08 11.88 -11.98
CA ASP A 71 6.92 11.21 -12.56
C ASP A 71 7.42 10.31 -13.69
N LYS A 72 6.64 9.33 -14.03
CA LYS A 72 6.97 8.49 -15.15
C LYS A 72 7.14 9.26 -16.45
N ASN A 73 8.23 8.97 -17.14
CA ASN A 73 8.46 9.52 -18.44
C ASN A 73 8.29 8.42 -19.51
N LEU A 74 7.86 8.77 -20.70
CA LEU A 74 7.83 7.80 -21.79
C LEU A 74 9.22 7.80 -22.45
N SER A 75 9.93 6.72 -22.28
CA SER A 75 11.20 6.54 -22.95
C SER A 75 10.97 6.58 -24.47
N GLN A 76 12.05 6.59 -25.23
CA GLN A 76 11.86 6.51 -26.67
C GLN A 76 11.22 5.22 -27.07
N ALA A 77 11.60 4.14 -26.42
CA ALA A 77 10.97 2.87 -26.67
C ALA A 77 9.45 2.89 -26.46
N LEU A 78 9.03 3.50 -25.37
CA LEU A 78 7.60 3.56 -25.09
C LEU A 78 6.87 4.51 -25.99
N LYS A 79 7.52 5.56 -26.42
CA LYS A 79 6.93 6.47 -27.38
C LYS A 79 6.64 5.76 -28.70
N PHE A 80 7.57 4.92 -29.10
CA PHE A 80 7.39 4.16 -30.29
C PHE A 80 6.36 3.04 -30.07
N VAL A 81 6.42 2.38 -28.93
CA VAL A 81 5.41 1.35 -28.65
C VAL A 81 4.02 1.99 -28.57
N ARG A 82 3.94 3.20 -28.05
CA ARG A 82 2.66 3.89 -28.03
C ARG A 82 2.03 3.98 -29.42
N ASP A 83 2.80 3.81 -30.49
CA ASP A 83 2.18 3.81 -31.81
C ASP A 83 1.18 2.67 -31.97
N PHE A 84 1.35 1.57 -31.22
CA PHE A 84 0.32 0.53 -31.23
C PHE A 84 -0.29 0.21 -29.87
N ALA A 85 0.29 0.67 -28.77
CA ALA A 85 -0.35 0.53 -27.47
C ALA A 85 -1.11 1.78 -27.06
N GLY A 86 -1.12 2.82 -27.90
CA GLY A 86 -1.97 3.98 -27.65
C GLY A 86 -1.82 4.54 -26.25
N ASP A 87 -2.92 5.07 -25.71
CA ASP A 87 -2.96 5.47 -24.31
C ASP A 87 -3.43 4.35 -23.41
N GLY A 88 -3.02 3.11 -23.71
CA GLY A 88 -3.10 2.06 -22.71
C GLY A 88 -2.31 2.45 -21.47
N LEU A 89 -2.45 1.62 -20.42
CA LEU A 89 -1.87 1.96 -19.12
C LEU A 89 -0.36 2.11 -19.20
N GLY A 90 0.31 1.27 -20.00
CA GLY A 90 1.76 1.29 -20.05
C GLY A 90 2.37 2.45 -20.81
N THR A 91 1.63 3.03 -21.76
CA THR A 91 2.19 4.04 -22.65
C THR A 91 1.49 5.38 -22.53
N SER A 92 0.70 5.59 -21.48
CA SER A 92 0.05 6.88 -21.26
C SER A 92 0.84 7.68 -20.23
N TRP A 93 0.71 8.99 -20.32
CA TRP A 93 1.28 9.87 -19.29
C TRP A 93 0.34 9.91 -18.09
N THR A 94 0.90 10.13 -16.91
CA THR A 94 0.09 10.12 -15.69
C THR A 94 -1.01 11.17 -15.75
N HIS A 95 -0.77 12.27 -16.45
CA HIS A 95 -1.70 13.37 -16.56
C HIS A 95 -2.76 13.17 -17.65
N GLU A 96 -2.68 12.12 -18.45
CA GLU A 96 -3.74 11.83 -19.42
C GLU A 96 -4.96 11.27 -18.72
N LYS A 97 -6.12 11.82 -19.07
CA LYS A 97 -7.38 11.39 -18.46
C LYS A 97 -7.52 9.86 -18.51
N ASN A 98 -7.10 9.23 -19.61
CA ASN A 98 -7.34 7.78 -19.70
C ASN A 98 -6.40 6.95 -18.82
N TRP A 99 -5.29 7.50 -18.33
CA TRP A 99 -4.46 6.73 -17.40
C TRP A 99 -5.21 6.50 -16.09
N LYS A 100 -5.66 7.58 -15.44
CA LYS A 100 -6.27 7.45 -14.13
C LYS A 100 -7.58 6.68 -14.24
N LYS A 101 -8.37 6.94 -15.29
CA LYS A 101 -9.61 6.21 -15.52
C LYS A 101 -9.35 4.70 -15.61
N ALA A 102 -8.40 4.31 -16.45
CA ALA A 102 -8.18 2.88 -16.67
C ALA A 102 -7.55 2.26 -15.44
N HIS A 103 -6.68 3.01 -14.78
CA HIS A 103 -6.09 2.57 -13.52
C HIS A 103 -7.16 2.25 -12.49
N ASN A 104 -8.11 3.17 -12.29
CA ASN A 104 -9.14 2.95 -11.29
C ASN A 104 -10.02 1.75 -11.63
N ILE A 105 -10.33 1.59 -12.91
CA ILE A 105 -11.21 0.52 -13.35
C ILE A 105 -10.53 -0.82 -13.23
N LEU A 106 -9.25 -0.89 -13.59
CA LEU A 106 -8.58 -2.19 -13.69
C LEU A 106 -7.94 -2.68 -12.39
N LEU A 107 -7.67 -1.81 -11.41
CA LEU A 107 -7.04 -2.29 -10.18
C LEU A 107 -7.76 -3.49 -9.57
N PRO A 108 -9.10 -3.49 -9.42
CA PRO A 108 -9.76 -4.66 -8.84
C PRO A 108 -9.68 -5.90 -9.69
N SER A 109 -9.37 -5.79 -10.99
CA SER A 109 -9.19 -6.96 -11.84
C SER A 109 -7.82 -7.60 -11.67
N PHE A 110 -6.93 -6.96 -10.94
CA PHE A 110 -5.54 -7.39 -10.90
C PHE A 110 -5.08 -7.68 -9.48
N SER A 111 -5.99 -7.73 -8.51
CA SER A 111 -5.62 -7.94 -7.11
C SER A 111 -5.50 -9.42 -6.80
N GLN A 112 -4.98 -9.71 -5.59
CA GLN A 112 -4.94 -11.09 -5.11
C GLN A 112 -6.32 -11.72 -5.10
N GLN A 113 -7.35 -10.94 -4.77
CA GLN A 113 -8.70 -11.47 -4.79
C GLN A 113 -9.08 -11.93 -6.19
N ALA A 114 -8.83 -11.09 -7.20
CA ALA A 114 -9.12 -11.48 -8.56
C ALA A 114 -8.32 -12.71 -8.99
N MET A 115 -7.14 -12.93 -8.40
CA MET A 115 -6.35 -14.10 -8.76
C MET A 115 -7.08 -15.39 -8.37
N LYS A 116 -7.85 -15.36 -7.28
CA LYS A 116 -8.66 -16.52 -6.95
C LYS A 116 -9.59 -16.88 -8.11
N GLY A 117 -10.08 -15.88 -8.84
CA GLY A 117 -10.94 -16.13 -9.98
C GLY A 117 -10.20 -16.61 -11.22
N TYR A 118 -8.97 -16.12 -11.42
CA TYR A 118 -8.13 -16.56 -12.53
C TYR A 118 -7.53 -17.95 -12.32
N HIS A 119 -7.46 -18.42 -11.08
CA HIS A 119 -6.62 -19.58 -10.77
C HIS A 119 -6.98 -20.79 -11.64
N ALA A 120 -8.26 -21.11 -11.76
CA ALA A 120 -8.65 -22.32 -12.52
C ALA A 120 -8.23 -22.23 -13.98
N MET A 121 -8.27 -21.04 -14.58
CA MET A 121 -7.81 -20.89 -15.96
C MET A 121 -6.29 -21.01 -16.05
N MET A 122 -5.56 -20.46 -15.07
CA MET A 122 -4.11 -20.65 -15.04
C MET A 122 -3.77 -22.12 -14.91
N VAL A 123 -4.53 -22.84 -14.08
CA VAL A 123 -4.26 -24.27 -13.90
C VAL A 123 -4.45 -25.00 -15.22
N ASP A 124 -5.49 -24.66 -15.97
CA ASP A 124 -5.75 -25.29 -17.26
C ASP A 124 -4.51 -25.27 -18.13
N ILE A 125 -3.87 -24.11 -18.25
CA ILE A 125 -2.70 -24.02 -19.12
C ILE A 125 -1.50 -24.73 -18.49
N ALA A 126 -1.28 -24.54 -17.19
CA ALA A 126 -0.14 -25.19 -16.53
C ALA A 126 -0.20 -26.70 -16.69
N VAL A 127 -1.39 -27.29 -16.55
CA VAL A 127 -1.53 -28.73 -16.73
C VAL A 127 -1.15 -29.13 -18.16
N GLN A 128 -1.52 -28.31 -19.14
CA GLN A 128 -1.10 -28.59 -20.50
C GLN A 128 0.42 -28.62 -20.63
N LEU A 129 1.11 -27.67 -19.99
CA LEU A 129 2.57 -27.70 -20.00
C LEU A 129 3.10 -28.99 -19.38
N VAL A 130 2.60 -29.37 -18.19
CA VAL A 130 3.08 -30.60 -17.56
C VAL A 130 2.81 -31.81 -18.46
N GLN A 131 1.61 -31.88 -19.04
CA GLN A 131 1.30 -33.01 -19.90
C GLN A 131 2.20 -33.07 -21.11
N LYS A 132 2.54 -31.93 -21.72
CA LYS A 132 3.50 -31.97 -22.83
C LYS A 132 4.81 -32.64 -22.41
N TRP A 133 5.37 -32.20 -21.28
CA TRP A 133 6.66 -32.74 -20.85
C TRP A 133 6.54 -34.21 -20.41
N GLU A 134 5.40 -34.59 -19.81
CA GLU A 134 5.18 -36.00 -19.50
C GLU A 134 5.18 -36.88 -20.74
N ARG A 135 4.83 -36.31 -21.89
CA ARG A 135 4.68 -37.08 -23.12
C ARG A 135 5.90 -37.03 -24.03
N LEU A 136 6.97 -36.36 -23.64
CA LEU A 136 8.19 -36.41 -24.42
C LEU A 136 8.82 -37.79 -24.33
N ASN A 137 9.54 -38.16 -25.40
CA ASN A 137 10.24 -39.43 -25.41
C ASN A 137 11.61 -39.32 -24.76
N ALA A 138 12.25 -40.48 -24.66
CA ALA A 138 13.30 -40.75 -23.68
C ALA A 138 14.40 -39.70 -23.68
N ASP A 139 14.99 -39.43 -24.83
CA ASP A 139 16.12 -38.51 -24.88
C ASP A 139 15.80 -37.23 -25.63
N GLU A 140 14.50 -36.90 -25.76
CA GLU A 140 14.11 -35.59 -26.24
C GLU A 140 14.33 -34.54 -25.16
N HIS A 141 14.41 -33.29 -25.58
CA HIS A 141 14.69 -32.22 -24.65
C HIS A 141 13.64 -31.12 -24.77
N ILE A 142 13.68 -30.19 -23.82
CA ILE A 142 12.76 -29.07 -23.75
C ILE A 142 13.47 -27.79 -24.20
N GLU A 143 12.78 -27.02 -25.05
CA GLU A 143 13.20 -25.68 -25.44
C GLU A 143 12.50 -24.72 -24.49
N VAL A 144 13.24 -24.24 -23.50
CA VAL A 144 12.61 -23.64 -22.31
C VAL A 144 11.89 -22.35 -22.65
N PRO A 145 12.60 -21.29 -23.18
CA PRO A 145 11.82 -20.06 -23.42
C PRO A 145 10.59 -20.25 -24.28
N GLU A 146 10.71 -21.11 -25.26
CA GLU A 146 9.61 -21.37 -26.17
C GLU A 146 8.40 -21.92 -25.45
N ASP A 147 8.60 -22.92 -24.64
CA ASP A 147 7.50 -23.51 -23.89
C ASP A 147 6.92 -22.58 -22.81
N MET A 148 7.78 -21.76 -22.23
CA MET A 148 7.31 -20.83 -21.21
C MET A 148 6.45 -19.76 -21.86
N THR A 149 6.83 -19.33 -23.04
CA THR A 149 6.05 -18.34 -23.78
C THR A 149 4.68 -18.92 -24.23
N ARG A 150 4.64 -20.20 -24.57
CA ARG A 150 3.36 -20.84 -24.89
C ARG A 150 2.48 -20.76 -23.67
N LEU A 151 3.07 -21.00 -22.53
CA LEU A 151 2.32 -20.97 -21.29
C LEU A 151 1.82 -19.57 -20.94
N THR A 152 2.74 -18.60 -20.92
CA THR A 152 2.36 -17.23 -20.60
C THR A 152 1.37 -16.61 -21.56
N LEU A 153 1.61 -16.78 -22.84
CA LEU A 153 0.66 -16.28 -23.80
C LEU A 153 -0.74 -16.89 -23.63
N ASP A 154 -0.79 -18.18 -23.52
CA ASP A 154 -2.08 -18.80 -23.40
C ASP A 154 -2.81 -18.37 -22.15
N THR A 155 -2.07 -18.19 -21.11
CA THR A 155 -2.64 -17.81 -19.83
C THR A 155 -3.24 -16.40 -19.91
N ILE A 156 -2.54 -15.44 -20.51
CA ILE A 156 -3.16 -14.12 -20.62
C ILE A 156 -4.30 -14.14 -21.64
N GLY A 157 -4.19 -14.94 -22.71
CA GLY A 157 -5.32 -15.07 -23.63
C GLY A 157 -6.58 -15.55 -22.93
N LEU A 158 -6.45 -16.59 -22.10
CA LEU A 158 -7.61 -17.17 -21.43
C LEU A 158 -8.16 -16.27 -20.34
N CYS A 159 -7.28 -15.78 -19.45
CA CYS A 159 -7.70 -14.88 -18.39
C CYS A 159 -8.05 -13.49 -18.92
N GLY A 160 -7.41 -13.06 -19.99
CA GLY A 160 -7.70 -11.77 -20.58
C GLY A 160 -9.04 -11.70 -21.28
N PHE A 161 -9.29 -12.55 -22.27
CA PHE A 161 -10.56 -12.42 -22.98
C PHE A 161 -11.12 -13.77 -23.38
N ASN A 162 -10.87 -14.80 -22.57
CA ASN A 162 -11.50 -16.11 -22.77
C ASN A 162 -11.21 -16.65 -24.17
N TYR A 163 -9.98 -16.45 -24.63
CA TYR A 163 -9.54 -16.85 -25.97
C TYR A 163 -8.41 -17.85 -25.79
N ARG A 164 -8.48 -18.97 -26.53
CA ARG A 164 -7.43 -19.98 -26.45
C ARG A 164 -6.49 -19.83 -27.64
N PHE A 165 -5.26 -19.37 -27.35
CA PHE A 165 -4.24 -19.33 -28.41
C PHE A 165 -3.81 -20.74 -28.78
N ASN A 166 -4.03 -21.70 -27.89
CA ASN A 166 -3.72 -23.11 -28.15
C ASN A 166 -2.27 -23.27 -28.60
N SER A 167 -1.38 -22.58 -27.90
CA SER A 167 0.02 -22.56 -28.32
C SER A 167 0.68 -23.92 -28.20
N PHE A 168 0.18 -24.81 -27.33
CA PHE A 168 0.77 -26.14 -27.26
C PHE A 168 0.36 -27.03 -28.42
N TYR A 169 -0.56 -26.59 -29.26
CA TYR A 169 -0.97 -27.35 -30.43
C TYR A 169 -0.28 -26.90 -31.70
N ARG A 170 0.65 -25.95 -31.61
CA ARG A 170 1.18 -25.36 -32.83
C ARG A 170 2.65 -25.02 -32.65
N ASP A 171 3.32 -24.83 -33.79
CA ASP A 171 4.64 -24.22 -33.92
C ASP A 171 4.56 -22.81 -34.49
N GLN A 172 3.75 -22.63 -35.52
CA GLN A 172 3.62 -21.30 -36.13
C GLN A 172 2.89 -20.37 -35.16
N PRO A 173 3.38 -19.16 -34.94
CA PRO A 173 2.66 -18.22 -34.06
C PRO A 173 1.31 -17.82 -34.63
N HIS A 174 0.48 -17.32 -33.74
CA HIS A 174 -0.82 -16.76 -34.09
C HIS A 174 -0.64 -15.49 -34.93
N PRO A 175 -1.49 -15.24 -35.92
CA PRO A 175 -1.32 -14.02 -36.74
C PRO A 175 -1.19 -12.73 -35.94
N PHE A 176 -1.92 -12.60 -34.83
CA PHE A 176 -1.75 -11.41 -34.02
C PHE A 176 -0.33 -11.33 -33.48
N ILE A 177 0.19 -12.47 -33.03
CA ILE A 177 1.51 -12.50 -32.42
C ILE A 177 2.60 -12.23 -33.46
N THR A 178 2.42 -12.74 -34.68
CA THR A 178 3.37 -12.42 -35.75
C THR A 178 3.50 -10.92 -35.94
N SER A 179 2.37 -10.21 -35.97
CA SER A 179 2.43 -8.76 -36.18
C SER A 179 2.94 -8.04 -34.95
N MET A 180 2.57 -8.49 -33.74
CA MET A 180 3.02 -7.84 -32.52
C MET A 180 4.53 -7.96 -32.35
N VAL A 181 5.06 -9.16 -32.54
CA VAL A 181 6.52 -9.36 -32.45
C VAL A 181 7.25 -8.59 -33.54
N ARG A 182 6.71 -8.57 -34.77
CA ARG A 182 7.38 -7.80 -35.83
C ARG A 182 7.33 -6.31 -35.54
N ALA A 183 6.23 -5.82 -34.96
CA ALA A 183 6.17 -4.42 -34.54
C ALA A 183 7.16 -4.13 -33.43
N LEU A 184 7.29 -5.02 -32.43
CA LEU A 184 8.25 -4.79 -31.36
C LEU A 184 9.68 -4.84 -31.90
N ASP A 185 9.94 -5.75 -32.84
CA ASP A 185 11.23 -5.79 -33.51
C ASP A 185 11.52 -4.47 -34.23
N GLU A 186 10.51 -3.89 -34.88
CA GLU A 186 10.74 -2.61 -35.54
C GLU A 186 11.04 -1.49 -34.55
N VAL A 187 10.40 -1.51 -33.37
CA VAL A 187 10.72 -0.52 -32.35
C VAL A 187 12.18 -0.60 -31.97
N MET A 188 12.67 -1.81 -31.70
CA MET A 188 14.07 -1.96 -31.30
C MET A 188 15.00 -1.48 -32.40
N ASN A 189 14.73 -1.88 -33.65
CA ASN A 189 15.57 -1.43 -34.76
C ASN A 189 15.55 0.09 -34.86
N LYS A 190 14.38 0.70 -34.64
CA LYS A 190 14.27 2.14 -34.81
C LYS A 190 15.05 2.90 -33.73
N LEU A 191 15.22 2.30 -32.54
CA LEU A 191 16.05 2.91 -31.51
C LEU A 191 17.52 2.93 -31.90
N GLN A 192 17.93 2.04 -32.80
CA GLN A 192 19.34 1.89 -33.14
C GLN A 192 19.75 2.67 -34.39
N ARG A 193 18.79 3.21 -35.15
CA ARG A 193 19.10 3.84 -36.42
C ARG A 193 19.79 5.18 -36.21
N ALA A 194 20.92 5.39 -36.90
CA ALA A 194 21.67 6.64 -36.78
C ALA A 194 21.05 7.77 -37.60
N ASN A 195 20.39 7.45 -38.71
CA ASN A 195 19.57 8.40 -39.45
C ASN A 195 18.27 7.68 -39.77
N PRO A 196 17.24 7.84 -38.93
CA PRO A 196 15.99 7.09 -39.13
C PRO A 196 15.21 7.53 -40.36
N ASP A 197 15.58 8.64 -40.98
CA ASP A 197 14.88 9.14 -42.15
C ASP A 197 15.44 8.58 -43.45
N ASP A 198 16.43 7.70 -43.37
CA ASP A 198 16.98 7.09 -44.57
C ASP A 198 15.88 6.36 -45.33
N PRO A 199 15.70 6.64 -46.63
CA PRO A 199 14.67 5.91 -47.39
C PRO A 199 14.87 4.41 -47.39
N ALA A 200 16.05 3.92 -47.02
CA ALA A 200 16.26 2.48 -46.88
C ALA A 200 15.28 1.86 -45.89
N TYR A 201 14.65 2.67 -45.04
CA TYR A 201 13.74 2.19 -44.02
C TYR A 201 12.27 2.39 -44.38
N ASP A 202 11.98 2.83 -45.61
CA ASP A 202 10.58 3.03 -46.00
C ASP A 202 9.82 1.71 -45.99
N GLU A 203 10.48 0.62 -46.40
CA GLU A 203 9.84 -0.69 -46.36
C GLU A 203 9.55 -1.11 -44.92
N ASN A 204 10.50 -0.90 -44.00
CA ASN A 204 10.25 -1.21 -42.60
C ASN A 204 9.06 -0.42 -42.06
N LYS A 205 8.93 0.84 -42.50
CA LYS A 205 7.83 1.67 -42.02
C LYS A 205 6.49 1.23 -42.61
N ARG A 206 6.49 0.82 -43.88
CA ARG A 206 5.26 0.29 -44.47
C ARG A 206 4.81 -0.96 -43.74
N GLN A 207 5.74 -1.88 -43.47
CA GLN A 207 5.40 -3.09 -42.72
C GLN A 207 4.91 -2.76 -41.31
N PHE A 208 5.53 -1.76 -40.66
CA PHE A 208 5.12 -1.37 -39.31
C PHE A 208 3.66 -0.93 -39.30
N GLN A 209 3.27 -0.15 -40.29
CA GLN A 209 1.87 0.33 -40.37
C GLN A 209 0.95 -0.85 -40.63
N GLU A 210 1.36 -1.83 -41.43
CA GLU A 210 0.52 -3.00 -41.71
C GLU A 210 0.37 -3.88 -40.48
N ASP A 211 1.42 -3.99 -39.67
CA ASP A 211 1.31 -4.79 -38.46
C ASP A 211 0.44 -4.12 -37.41
N ILE A 212 0.47 -2.79 -37.35
CA ILE A 212 -0.47 -2.07 -36.48
C ILE A 212 -1.91 -2.32 -36.94
N LYS A 213 -2.14 -2.22 -38.25
CA LYS A 213 -3.49 -2.46 -38.75
C LYS A 213 -3.98 -3.87 -38.39
N VAL A 214 -3.11 -4.87 -38.49
CA VAL A 214 -3.50 -6.23 -38.13
C VAL A 214 -3.89 -6.31 -36.66
N MET A 215 -3.02 -5.82 -35.77
CA MET A 215 -3.32 -5.86 -34.35
C MET A 215 -4.64 -5.17 -34.04
N ASN A 216 -4.89 -4.00 -34.65
CA ASN A 216 -6.12 -3.27 -34.37
C ASN A 216 -7.33 -4.04 -34.87
N ASP A 217 -7.26 -4.54 -36.10
CA ASP A 217 -8.39 -5.25 -36.69
C ASP A 217 -8.77 -6.48 -35.88
N LEU A 218 -7.77 -7.26 -35.46
CA LEU A 218 -8.06 -8.49 -34.73
C LEU A 218 -8.60 -8.20 -33.33
N VAL A 219 -8.07 -7.19 -32.66
CA VAL A 219 -8.55 -6.92 -31.30
C VAL A 219 -9.90 -6.20 -31.35
N ASP A 220 -10.09 -5.30 -32.30
CA ASP A 220 -11.41 -4.69 -32.45
C ASP A 220 -12.48 -5.75 -32.70
N LYS A 221 -12.14 -6.83 -33.41
CA LYS A 221 -13.13 -7.86 -33.69
C LYS A 221 -13.40 -8.72 -32.45
N ILE A 222 -12.37 -8.96 -31.63
CA ILE A 222 -12.56 -9.64 -30.36
C ILE A 222 -13.58 -8.89 -29.50
N ILE A 223 -13.41 -7.58 -29.37
CA ILE A 223 -14.32 -6.79 -28.54
C ILE A 223 -15.72 -6.74 -29.18
N ALA A 224 -15.79 -6.51 -30.49
CA ALA A 224 -17.09 -6.47 -31.14
C ALA A 224 -17.82 -7.79 -31.00
N ASP A 225 -17.10 -8.90 -31.07
CA ASP A 225 -17.73 -10.21 -30.93
C ASP A 225 -18.29 -10.41 -29.53
N ARG A 226 -17.54 -9.99 -28.52
CA ARG A 226 -18.02 -10.11 -27.14
C ARG A 226 -19.23 -9.23 -26.92
N LYS A 227 -19.22 -8.02 -27.47
CA LYS A 227 -20.41 -7.17 -27.35
C LYS A 227 -21.60 -7.76 -28.11
N ALA A 228 -21.35 -8.52 -29.17
CA ALA A 228 -22.45 -9.07 -29.95
C ALA A 228 -23.01 -10.36 -29.37
N SER A 229 -22.26 -11.06 -28.50
CA SER A 229 -22.74 -12.30 -27.92
C SER A 229 -23.38 -12.12 -26.55
N GLY A 230 -23.06 -11.04 -25.84
CA GLY A 230 -23.59 -10.80 -24.51
C GLY A 230 -23.02 -11.68 -23.41
N GLU A 231 -22.08 -12.57 -23.72
CA GLU A 231 -21.56 -13.50 -22.72
C GLU A 231 -20.84 -12.75 -21.61
N GLN A 232 -20.97 -13.26 -20.39
CA GLN A 232 -20.40 -12.64 -19.20
C GLN A 232 -19.35 -13.57 -18.61
N SER A 233 -18.25 -13.75 -19.35
CA SER A 233 -17.09 -14.44 -18.80
C SER A 233 -16.41 -13.54 -17.78
N ASP A 234 -15.88 -14.14 -16.71
CA ASP A 234 -15.20 -13.36 -15.69
C ASP A 234 -13.74 -13.18 -16.09
N ASP A 235 -13.54 -12.35 -17.11
CA ASP A 235 -12.21 -12.04 -17.59
C ASP A 235 -12.05 -10.53 -17.66
N LEU A 236 -10.83 -10.09 -17.99
CA LEU A 236 -10.51 -8.68 -18.03
C LEU A 236 -11.40 -7.92 -19.01
N LEU A 237 -11.76 -8.56 -20.13
CA LEU A 237 -12.57 -7.86 -21.12
C LEU A 237 -13.98 -7.58 -20.60
N THR A 238 -14.58 -8.54 -19.90
CA THR A 238 -15.87 -8.26 -19.27
C THR A 238 -15.75 -7.11 -18.29
N HIS A 239 -14.70 -7.12 -17.46
CA HIS A 239 -14.50 -6.05 -16.49
C HIS A 239 -14.37 -4.71 -17.18
N MET A 240 -13.65 -4.64 -18.29
CA MET A 240 -13.51 -3.39 -19.00
C MET A 240 -14.82 -2.98 -19.69
N LEU A 241 -15.59 -3.93 -20.20
CA LEU A 241 -16.86 -3.54 -20.83
C LEU A 241 -17.87 -3.09 -19.79
N ASN A 242 -17.83 -3.64 -18.58
CA ASN A 242 -18.86 -3.33 -17.59
C ASN A 242 -18.42 -2.34 -16.51
N GLY A 243 -17.13 -2.04 -16.42
CA GLY A 243 -16.64 -1.21 -15.33
C GLY A 243 -16.84 0.28 -15.56
N LYS A 244 -16.97 1.00 -14.45
CA LYS A 244 -17.07 2.45 -14.47
C LYS A 244 -16.05 3.02 -13.50
N ASP A 245 -15.36 4.08 -13.92
CA ASP A 245 -14.41 4.77 -13.06
C ASP A 245 -15.13 5.45 -11.91
N PRO A 246 -14.82 5.12 -10.65
CA PRO A 246 -15.51 5.78 -9.53
C PRO A 246 -15.37 7.30 -9.54
N GLU A 247 -14.22 7.80 -10.00
CA GLU A 247 -13.97 9.24 -10.01
C GLU A 247 -14.84 9.96 -11.03
N THR A 248 -14.65 9.65 -12.33
CA THR A 248 -15.40 10.33 -13.39
C THR A 248 -16.79 9.74 -13.60
N GLY A 249 -17.03 8.52 -13.09
CA GLY A 249 -18.25 7.81 -13.39
C GLY A 249 -18.32 7.22 -14.79
N GLU A 250 -17.26 7.37 -15.60
CA GLU A 250 -17.23 6.96 -17.00
C GLU A 250 -16.64 5.58 -17.20
N PRO A 251 -17.11 4.85 -18.21
CA PRO A 251 -16.44 3.63 -18.64
C PRO A 251 -15.36 3.91 -19.69
N LEU A 252 -14.54 2.90 -19.94
CA LEU A 252 -13.56 2.99 -21.03
C LEU A 252 -14.27 2.89 -22.37
N ASP A 253 -13.78 3.63 -23.36
CA ASP A 253 -14.33 3.49 -24.70
C ASP A 253 -13.63 2.35 -25.45
N ASP A 254 -14.22 1.95 -26.58
CA ASP A 254 -13.76 0.74 -27.25
C ASP A 254 -12.33 0.88 -27.76
N GLU A 255 -11.97 2.08 -28.24
CA GLU A 255 -10.58 2.30 -28.65
C GLU A 255 -9.62 2.07 -27.49
N ASN A 256 -9.94 2.56 -26.30
CA ASN A 256 -9.00 2.38 -25.21
C ASN A 256 -8.98 0.95 -24.72
N ILE A 257 -10.12 0.24 -24.77
CA ILE A 257 -10.13 -1.17 -24.40
C ILE A 257 -9.18 -1.95 -25.29
N ARG A 258 -9.19 -1.64 -26.59
CA ARG A 258 -8.28 -2.29 -27.51
C ARG A 258 -6.81 -2.05 -27.12
N TYR A 259 -6.47 -0.80 -26.78
CA TYR A 259 -5.09 -0.53 -26.33
C TYR A 259 -4.74 -1.34 -25.11
N GLN A 260 -5.68 -1.48 -24.16
CA GLN A 260 -5.37 -2.24 -22.95
C GLN A 260 -5.09 -3.71 -23.29
N ILE A 261 -5.92 -4.29 -24.17
CA ILE A 261 -5.72 -5.68 -24.55
C ILE A 261 -4.37 -5.87 -25.22
N ILE A 262 -4.02 -4.98 -26.15
CA ILE A 262 -2.71 -5.07 -26.78
C ILE A 262 -1.60 -4.99 -25.73
N THR A 263 -1.77 -4.10 -24.77
CA THR A 263 -0.76 -3.89 -23.74
C THR A 263 -0.59 -5.13 -22.88
N PHE A 264 -1.70 -5.79 -22.53
CA PHE A 264 -1.61 -7.01 -21.72
C PHE A 264 -0.97 -8.15 -22.49
N LEU A 265 -1.27 -8.26 -23.79
CA LEU A 265 -0.67 -9.29 -24.63
C LEU A 265 0.83 -9.10 -24.78
N ILE A 266 1.31 -7.86 -24.87
CA ILE A 266 2.75 -7.62 -24.86
C ILE A 266 3.34 -8.09 -23.53
N ALA A 267 2.77 -7.61 -22.42
CA ALA A 267 3.28 -7.93 -21.09
C ALA A 267 3.25 -9.43 -20.80
N GLY A 268 2.18 -10.11 -21.21
CA GLY A 268 2.05 -11.51 -20.84
C GLY A 268 2.74 -12.48 -21.76
N HIS A 269 3.44 -11.97 -22.77
CA HIS A 269 4.16 -12.77 -23.74
C HIS A 269 5.58 -12.96 -23.21
N GLU A 270 6.61 -12.57 -23.96
CA GLU A 270 7.98 -12.92 -23.53
C GLU A 270 8.45 -12.15 -22.29
N VAL A 271 7.83 -11.01 -21.94
CA VAL A 271 8.19 -10.36 -20.68
C VAL A 271 7.96 -11.31 -19.51
N THR A 272 6.78 -11.94 -19.47
CA THR A 272 6.52 -12.81 -18.33
C THR A 272 7.22 -14.17 -18.50
N SER A 273 7.27 -14.70 -19.72
CA SER A 273 7.93 -16.00 -19.86
C SER A 273 9.43 -15.89 -19.59
N GLY A 274 10.01 -14.70 -19.77
CA GLY A 274 11.41 -14.50 -19.40
C GLY A 274 11.68 -14.84 -17.95
N LEU A 275 10.78 -14.44 -17.05
CA LEU A 275 10.95 -14.73 -15.64
C LEU A 275 11.02 -16.23 -15.39
N LEU A 276 10.11 -17.01 -15.98
CA LEU A 276 10.16 -18.45 -15.81
C LEU A 276 11.44 -19.03 -16.39
N SER A 277 11.82 -18.59 -17.59
CA SER A 277 13.01 -19.15 -18.23
C SER A 277 14.26 -18.86 -17.42
N PHE A 278 14.42 -17.61 -16.95
CA PHE A 278 15.57 -17.29 -16.08
C PHE A 278 15.50 -18.04 -14.77
N ALA A 279 14.32 -18.19 -14.17
CA ALA A 279 14.24 -18.93 -12.91
C ALA A 279 14.68 -20.39 -13.09
N LEU A 280 14.22 -21.04 -14.18
CA LEU A 280 14.62 -22.43 -14.38
C LEU A 280 16.10 -22.51 -14.70
N TYR A 281 16.64 -21.54 -15.42
CA TYR A 281 18.10 -21.51 -15.64
C TYR A 281 18.85 -21.46 -14.31
N PHE A 282 18.45 -20.55 -13.43
CA PHE A 282 19.16 -20.44 -12.17
C PHE A 282 18.97 -21.69 -11.31
N LEU A 283 17.79 -22.29 -11.34
CA LEU A 283 17.61 -23.52 -10.56
C LEU A 283 18.54 -24.63 -11.04
N VAL A 284 18.62 -24.85 -12.36
CA VAL A 284 19.45 -25.98 -12.78
C VAL A 284 20.94 -25.68 -12.62
N LYS A 285 21.33 -24.41 -12.62
CA LYS A 285 22.73 -24.03 -12.33
C LYS A 285 23.05 -24.03 -10.84
N ASN A 286 22.06 -24.22 -9.98
CA ASN A 286 22.25 -24.16 -8.53
C ASN A 286 21.50 -25.30 -7.88
N PRO A 287 22.07 -26.51 -7.94
CA PRO A 287 21.31 -27.71 -7.54
C PRO A 287 20.82 -27.72 -6.10
N HIS A 288 21.54 -27.11 -5.16
CA HIS A 288 21.01 -27.09 -3.79
C HIS A 288 19.78 -26.20 -3.68
N VAL A 289 19.74 -25.09 -4.42
CA VAL A 289 18.52 -24.28 -4.47
C VAL A 289 17.38 -25.06 -5.12
N LEU A 290 17.68 -25.78 -6.20
CA LEU A 290 16.66 -26.60 -6.85
C LEU A 290 16.10 -27.62 -5.87
N GLN A 291 16.98 -28.33 -5.14
CA GLN A 291 16.51 -29.32 -4.17
C GLN A 291 15.60 -28.67 -3.14
N LYS A 292 16.02 -27.54 -2.57
CA LYS A 292 15.20 -26.86 -1.58
C LYS A 292 13.84 -26.47 -2.14
N ALA A 293 13.81 -25.93 -3.36
CA ALA A 293 12.52 -25.57 -3.95
C ALA A 293 11.67 -26.80 -4.25
N ALA A 294 12.30 -27.86 -4.73
CA ALA A 294 11.51 -29.06 -5.05
C ALA A 294 11.00 -29.73 -3.78
N GLU A 295 11.72 -29.59 -2.67
CA GLU A 295 11.22 -30.12 -1.39
C GLU A 295 9.99 -29.35 -0.93
N GLU A 296 9.96 -28.03 -1.18
CA GLU A 296 8.78 -27.25 -0.84
C GLU A 296 7.61 -27.65 -1.73
N ALA A 297 7.86 -27.76 -3.03
CA ALA A 297 6.80 -28.17 -3.95
C ALA A 297 6.18 -29.50 -3.54
N ALA A 298 7.01 -30.49 -3.16
CA ALA A 298 6.43 -31.77 -2.75
C ALA A 298 5.68 -31.67 -1.44
N ARG A 299 6.13 -30.82 -0.51
CA ARG A 299 5.49 -30.72 0.78
C ARG A 299 4.13 -30.05 0.67
N VAL A 300 4.05 -29.01 -0.14
CA VAL A 300 2.87 -28.16 -0.22
C VAL A 300 1.83 -28.70 -1.21
N LEU A 301 2.24 -29.14 -2.39
CA LEU A 301 1.29 -29.45 -3.47
C LEU A 301 0.85 -30.91 -3.39
N VAL A 302 -0.01 -31.16 -2.40
CA VAL A 302 -0.37 -32.52 -2.01
C VAL A 302 -1.58 -33.06 -2.74
N ASP A 303 -2.21 -32.26 -3.59
CA ASP A 303 -3.35 -32.68 -4.39
C ASP A 303 -2.96 -32.77 -5.85
N PRO A 304 -3.76 -33.46 -6.68
CA PRO A 304 -3.39 -33.61 -8.10
C PRO A 304 -3.21 -32.30 -8.82
N VAL A 305 -3.95 -31.25 -8.43
CA VAL A 305 -3.74 -29.94 -9.03
C VAL A 305 -3.71 -28.90 -7.92
N PRO A 306 -2.93 -27.84 -8.03
CA PRO A 306 -2.80 -26.92 -6.90
C PRO A 306 -4.02 -26.04 -6.73
N SER A 307 -4.36 -25.77 -5.48
CA SER A 307 -5.35 -24.76 -5.17
C SER A 307 -4.70 -23.38 -5.11
N TYR A 308 -5.54 -22.34 -5.12
CA TYR A 308 -5.04 -20.99 -4.89
C TYR A 308 -4.24 -20.91 -3.60
N LYS A 309 -4.78 -21.49 -2.51
CA LYS A 309 -4.12 -21.36 -1.22
C LYS A 309 -2.77 -22.05 -1.22
N GLN A 310 -2.64 -23.18 -1.90
CA GLN A 310 -1.36 -23.85 -1.97
C GLN A 310 -0.32 -23.00 -2.70
N VAL A 311 -0.73 -22.28 -3.76
CA VAL A 311 0.24 -21.43 -4.46
C VAL A 311 0.78 -20.35 -3.52
N LYS A 312 -0.10 -19.77 -2.70
CA LYS A 312 0.32 -18.77 -1.73
C LYS A 312 1.31 -19.32 -0.72
N GLN A 313 1.26 -20.63 -0.46
CA GLN A 313 2.16 -21.28 0.50
C GLN A 313 3.50 -21.68 -0.11
N LEU A 314 3.70 -21.46 -1.41
CA LEU A 314 4.98 -21.76 -2.06
C LEU A 314 5.95 -20.60 -1.86
N LYS A 315 6.30 -20.38 -0.58
CA LYS A 315 7.09 -19.22 -0.19
C LYS A 315 8.47 -19.26 -0.83
N TYR A 316 9.16 -20.40 -0.72
CA TYR A 316 10.51 -20.45 -1.29
C TYR A 316 10.48 -20.31 -2.81
N VAL A 317 9.48 -20.88 -3.48
CA VAL A 317 9.36 -20.69 -4.93
C VAL A 317 9.19 -19.22 -5.25
N GLY A 318 8.42 -18.49 -4.43
CA GLY A 318 8.30 -17.06 -4.63
C GLY A 318 9.62 -16.33 -4.45
N MET A 319 10.44 -16.82 -3.51
CA MET A 319 11.76 -16.23 -3.30
C MET A 319 12.68 -16.54 -4.48
N VAL A 320 12.59 -17.74 -5.03
CA VAL A 320 13.31 -18.08 -6.26
C VAL A 320 12.96 -17.08 -7.37
N LEU A 321 11.67 -16.79 -7.53
CA LEU A 321 11.27 -15.90 -8.62
C LEU A 321 11.79 -14.48 -8.40
N ASN A 322 11.73 -13.98 -7.16
CA ASN A 322 12.26 -12.65 -6.91
C ASN A 322 13.77 -12.57 -7.13
N GLU A 323 14.50 -13.64 -6.80
CA GLU A 323 15.95 -13.63 -7.03
C GLU A 323 16.28 -13.77 -8.51
N ALA A 324 15.39 -14.40 -9.29
CA ALA A 324 15.59 -14.36 -10.73
C ALA A 324 15.32 -12.95 -11.27
N LEU A 325 14.29 -12.28 -10.75
CA LEU A 325 14.01 -10.89 -11.12
C LEU A 325 15.11 -9.94 -10.67
N ARG A 326 15.81 -10.27 -9.59
CA ARG A 326 16.94 -9.41 -9.17
C ARG A 326 18.02 -9.43 -10.22
N LEU A 327 18.42 -10.63 -10.68
CA LEU A 327 19.55 -10.71 -11.61
C LEU A 327 19.16 -10.33 -13.04
N TRP A 328 18.02 -10.79 -13.53
CA TRP A 328 17.62 -10.49 -14.91
C TRP A 328 16.17 -10.05 -14.96
N PRO A 329 15.90 -8.82 -14.53
CA PRO A 329 14.53 -8.29 -14.61
C PRO A 329 14.12 -8.13 -16.08
N THR A 330 12.94 -8.63 -16.42
CA THR A 330 12.59 -8.72 -17.85
C THR A 330 11.98 -7.43 -18.41
N VAL A 331 11.73 -6.42 -17.58
CA VAL A 331 11.59 -5.04 -18.05
C VAL A 331 12.78 -4.27 -17.51
N PRO A 332 13.87 -4.14 -18.27
CA PRO A 332 15.16 -3.79 -17.68
C PRO A 332 15.35 -2.31 -17.34
N ALA A 333 14.43 -1.43 -17.73
CA ALA A 333 14.59 -0.02 -17.43
C ALA A 333 13.22 0.63 -17.38
N PHE A 334 13.15 1.75 -16.66
CA PHE A 334 12.01 2.64 -16.77
C PHE A 334 12.54 4.06 -16.66
N SER A 335 11.75 5.01 -17.16
CA SER A 335 12.20 6.37 -17.31
C SER A 335 11.40 7.25 -16.37
N LEU A 336 12.00 8.37 -15.95
CA LEU A 336 11.37 9.33 -15.08
C LEU A 336 11.73 10.73 -15.54
N TYR A 337 10.93 11.72 -15.14
CA TYR A 337 11.31 13.12 -15.34
C TYR A 337 11.07 13.91 -14.06
N ALA A 338 11.90 14.95 -13.89
CA ALA A 338 11.80 15.83 -12.73
C ALA A 338 10.58 16.74 -12.87
N LYS A 339 9.72 16.72 -11.85
CA LYS A 339 8.55 17.60 -11.86
C LYS A 339 8.90 19.04 -11.53
N GLU A 340 10.00 19.26 -10.84
CA GLU A 340 10.50 20.61 -10.58
C GLU A 340 12.01 20.53 -10.51
N ASP A 341 12.66 21.71 -10.43
CA ASP A 341 14.09 21.75 -10.12
C ASP A 341 14.36 21.02 -8.82
N THR A 342 15.41 20.20 -8.81
CA THR A 342 15.77 19.43 -7.63
C THR A 342 17.23 19.01 -7.76
N VAL A 343 17.79 18.48 -6.67
CA VAL A 343 19.16 18.00 -6.65
C VAL A 343 19.16 16.54 -6.24
N LEU A 344 19.85 15.72 -7.02
CA LEU A 344 19.97 14.29 -6.76
C LEU A 344 21.23 14.00 -5.94
N GLY A 345 21.07 13.21 -4.88
CA GLY A 345 22.19 12.80 -4.05
C GLY A 345 23.04 13.93 -3.54
N GLY A 346 22.47 15.13 -3.41
CA GLY A 346 23.20 16.28 -2.91
C GLY A 346 24.31 16.76 -3.82
N GLU A 347 24.39 16.18 -5.02
CA GLU A 347 25.50 16.45 -5.93
C GLU A 347 25.10 16.76 -7.36
N TYR A 348 23.92 16.35 -7.82
CA TYR A 348 23.59 16.45 -9.25
C TYR A 348 22.34 17.30 -9.44
N PRO A 349 22.50 18.59 -9.77
CA PRO A 349 21.34 19.45 -9.97
C PRO A 349 20.58 19.09 -11.24
N LEU A 350 19.27 19.04 -11.11
CA LEU A 350 18.39 18.76 -12.24
C LEU A 350 17.43 19.92 -12.39
N GLU A 351 17.05 20.19 -13.64
CA GLU A 351 16.04 21.19 -13.95
C GLU A 351 14.73 20.47 -14.20
N LYS A 352 13.62 21.15 -13.90
CA LYS A 352 12.31 20.64 -14.27
C LYS A 352 12.32 20.13 -15.70
N GLY A 353 11.80 18.92 -15.91
CA GLY A 353 11.77 18.32 -17.21
C GLY A 353 12.92 17.37 -17.50
N ASP A 354 14.05 17.50 -16.82
CA ASP A 354 15.18 16.61 -17.07
C ASP A 354 14.78 15.15 -16.85
N GLU A 355 15.26 14.25 -17.71
CA GLU A 355 14.85 12.87 -17.66
C GLU A 355 15.97 11.97 -17.12
N LEU A 356 15.52 10.85 -16.53
CA LEU A 356 16.37 9.85 -15.88
C LEU A 356 15.99 8.50 -16.46
N MET A 357 16.96 7.59 -16.54
CA MET A 357 16.67 6.17 -16.80
C MET A 357 17.13 5.35 -15.61
N VAL A 358 16.28 4.44 -15.14
CA VAL A 358 16.65 3.53 -14.05
C VAL A 358 17.10 2.22 -14.69
N LEU A 359 18.40 1.91 -14.59
CA LEU A 359 18.95 0.69 -15.15
C LEU A 359 18.77 -0.42 -14.11
N ILE A 360 17.66 -1.16 -14.21
CA ILE A 360 17.27 -2.07 -13.12
C ILE A 360 18.30 -3.17 -12.88
N PRO A 361 18.80 -3.88 -13.89
CA PRO A 361 19.75 -4.97 -13.61
C PRO A 361 20.97 -4.50 -12.85
N GLN A 362 21.40 -3.26 -13.11
CA GLN A 362 22.57 -2.71 -12.43
C GLN A 362 22.23 -2.30 -11.00
N LEU A 363 21.04 -1.72 -10.80
CA LEU A 363 20.58 -1.41 -9.44
C LEU A 363 20.66 -2.66 -8.55
N HIS A 364 20.16 -3.79 -9.08
CA HIS A 364 20.10 -5.05 -8.37
C HIS A 364 21.46 -5.68 -8.14
N ARG A 365 22.54 -5.05 -8.59
CA ARG A 365 23.90 -5.50 -8.36
C ARG A 365 24.69 -4.52 -7.48
N ASP A 366 24.00 -3.64 -6.76
CA ASP A 366 24.61 -2.67 -5.88
C ASP A 366 25.17 -3.39 -4.65
N LYS A 367 26.51 -3.50 -4.57
CA LYS A 367 27.12 -4.27 -3.50
C LYS A 367 26.90 -3.65 -2.13
N THR A 368 26.63 -2.35 -2.07
CA THR A 368 26.40 -1.73 -0.78
C THR A 368 25.09 -2.22 -0.17
N ILE A 369 24.20 -2.75 -0.99
CA ILE A 369 22.92 -3.28 -0.56
C ILE A 369 22.98 -4.79 -0.33
N TRP A 370 23.48 -5.53 -1.31
CA TRP A 370 23.36 -6.98 -1.33
C TRP A 370 24.61 -7.70 -0.85
N GLY A 371 25.71 -6.98 -0.61
CA GLY A 371 26.98 -7.59 -0.28
C GLY A 371 27.77 -7.97 -1.52
N ASP A 372 28.95 -8.51 -1.26
CA ASP A 372 29.87 -8.81 -2.36
C ASP A 372 29.41 -9.96 -3.25
N ASP A 373 28.43 -10.77 -2.83
CA ASP A 373 28.07 -11.95 -3.59
C ASP A 373 26.94 -11.69 -4.58
N VAL A 374 26.84 -10.45 -5.09
CA VAL A 374 25.68 -10.02 -5.87
C VAL A 374 25.43 -10.95 -7.06
N GLU A 375 26.47 -11.58 -7.59
CA GLU A 375 26.29 -12.43 -8.77
C GLU A 375 25.77 -13.81 -8.43
N GLU A 376 25.76 -14.20 -7.16
CA GLU A 376 25.31 -15.54 -6.82
C GLU A 376 23.78 -15.58 -6.73
N PHE A 377 23.23 -16.77 -6.97
CA PHE A 377 21.78 -16.95 -6.93
C PHE A 377 21.43 -17.48 -5.54
N ARG A 378 20.87 -16.60 -4.70
CA ARG A 378 20.55 -16.94 -3.31
C ARG A 378 19.15 -16.41 -2.95
N PRO A 379 18.11 -17.21 -3.16
CA PRO A 379 16.76 -16.72 -2.84
C PRO A 379 16.57 -16.27 -1.40
N GLU A 380 17.38 -16.79 -0.47
CA GLU A 380 17.24 -16.44 0.93
C GLU A 380 17.36 -14.93 1.17
N ARG A 381 17.95 -14.18 0.24
CA ARG A 381 17.99 -12.72 0.37
C ARG A 381 16.61 -12.14 0.57
N PHE A 382 15.58 -12.84 0.12
CA PHE A 382 14.21 -12.34 0.13
C PHE A 382 13.36 -12.94 1.24
N GLU A 383 13.99 -13.54 2.26
CA GLU A 383 13.24 -14.02 3.41
C GLU A 383 12.41 -12.92 4.07
N ASN A 384 12.96 -11.71 4.17
CA ASN A 384 12.33 -10.67 4.98
C ASN A 384 12.34 -9.36 4.22
N PRO A 385 11.19 -8.93 3.69
CA PRO A 385 11.15 -7.67 2.96
C PRO A 385 11.55 -6.46 3.78
N SER A 386 11.45 -6.51 5.11
CA SER A 386 11.82 -5.37 5.93
C SER A 386 13.33 -5.23 6.06
N ALA A 387 14.07 -6.27 5.69
CA ALA A 387 15.53 -6.26 5.70
C ALA A 387 16.11 -5.74 4.39
N ILE A 388 15.27 -5.37 3.44
CA ILE A 388 15.71 -4.86 2.15
C ILE A 388 15.54 -3.34 2.13
N PRO A 389 16.60 -2.57 1.89
CA PRO A 389 16.47 -1.11 1.94
C PRO A 389 15.47 -0.59 0.93
N GLN A 390 14.98 0.63 1.18
CA GLN A 390 13.95 1.21 0.31
C GLN A 390 14.46 1.35 -1.12
N HIS A 391 13.62 0.96 -2.08
CA HIS A 391 13.87 1.09 -3.52
C HIS A 391 15.14 0.40 -3.98
N ALA A 392 15.59 -0.61 -3.25
CA ALA A 392 16.70 -1.44 -3.72
C ALA A 392 16.26 -2.47 -4.77
N PHE A 393 14.98 -2.81 -4.82
CA PHE A 393 14.48 -3.92 -5.64
C PHE A 393 13.26 -3.43 -6.42
N LYS A 394 13.42 -3.21 -7.74
CA LYS A 394 12.37 -2.50 -8.48
C LYS A 394 12.01 -3.22 -9.78
N PRO A 395 11.84 -4.55 -9.78
CA PRO A 395 11.54 -5.24 -11.05
C PRO A 395 10.16 -4.89 -11.60
N PHE A 396 9.25 -4.35 -10.79
CA PHE A 396 7.90 -4.01 -11.21
C PHE A 396 7.70 -2.49 -11.23
N GLY A 397 8.79 -1.74 -11.28
CA GLY A 397 8.67 -0.29 -11.39
C GLY A 397 8.38 0.38 -10.05
N ASN A 398 7.76 1.56 -10.12
CA ASN A 398 7.65 2.37 -8.92
C ASN A 398 6.30 3.06 -8.81
N GLY A 399 5.78 3.08 -7.58
CA GLY A 399 4.69 3.97 -7.22
C GLY A 399 3.39 3.67 -7.95
N GLN A 400 2.62 4.73 -8.20
CA GLN A 400 1.34 4.55 -8.86
C GLN A 400 1.49 4.06 -10.30
N ARG A 401 2.69 4.20 -10.88
CA ARG A 401 2.98 3.73 -12.22
C ARG A 401 3.65 2.36 -12.22
N ALA A 402 3.58 1.65 -11.10
CA ALA A 402 4.17 0.33 -11.02
C ALA A 402 3.34 -0.67 -11.83
N CYS A 403 3.89 -1.87 -12.00
CA CYS A 403 3.24 -2.91 -12.79
C CYS A 403 1.89 -3.32 -12.21
N ILE A 404 0.81 -3.03 -12.94
CA ILE A 404 -0.50 -3.50 -12.49
C ILE A 404 -0.59 -5.03 -12.51
N GLY A 405 0.23 -5.71 -13.33
CA GLY A 405 0.17 -7.14 -13.54
C GLY A 405 1.01 -7.96 -12.58
N GLN A 406 1.58 -7.32 -11.56
CA GLN A 406 2.60 -7.97 -10.75
C GLN A 406 2.06 -9.22 -10.05
N GLN A 407 0.88 -9.13 -9.42
CA GLN A 407 0.31 -10.32 -8.76
C GLN A 407 -0.06 -11.39 -9.78
N PHE A 408 -0.60 -10.96 -10.93
CA PHE A 408 -0.91 -11.91 -12.01
C PHE A 408 0.34 -12.67 -12.43
N ALA A 409 1.41 -11.95 -12.76
CA ALA A 409 2.66 -12.59 -13.20
C ALA A 409 3.21 -13.52 -12.12
N LEU A 410 3.26 -13.06 -10.86
CA LEU A 410 3.85 -13.91 -9.84
C LEU A 410 2.98 -15.11 -9.50
N HIS A 411 1.65 -14.97 -9.57
CA HIS A 411 0.82 -16.13 -9.30
C HIS A 411 0.99 -17.18 -10.40
N GLU A 412 0.89 -16.78 -11.66
CA GLU A 412 1.02 -17.78 -12.73
C GLU A 412 2.42 -18.39 -12.75
N ALA A 413 3.46 -17.60 -12.44
CA ALA A 413 4.82 -18.15 -12.43
C ALA A 413 5.02 -19.09 -11.25
N THR A 414 4.48 -18.74 -10.08
CA THR A 414 4.64 -19.60 -8.92
C THR A 414 3.91 -20.93 -9.13
N LEU A 415 2.69 -20.87 -9.68
CA LEU A 415 1.91 -22.08 -9.95
C LEU A 415 2.67 -23.05 -10.85
N VAL A 416 3.13 -22.58 -12.00
CA VAL A 416 3.70 -23.51 -12.97
C VAL A 416 5.07 -23.97 -12.51
N LEU A 417 5.85 -23.08 -11.92
CA LEU A 417 7.15 -23.49 -11.42
C LEU A 417 7.01 -24.51 -10.29
N GLY A 418 6.03 -24.31 -9.42
CA GLY A 418 5.75 -25.31 -8.40
C GLY A 418 5.36 -26.64 -9.00
N MET A 419 4.51 -26.63 -10.04
CA MET A 419 4.10 -27.87 -10.68
C MET A 419 5.28 -28.53 -11.39
N MET A 420 6.11 -27.75 -12.07
CA MET A 420 7.32 -28.29 -12.69
C MET A 420 8.19 -28.99 -11.67
N LEU A 421 8.38 -28.37 -10.49
CA LEU A 421 9.27 -28.93 -9.49
C LEU A 421 8.69 -30.18 -8.83
N LYS A 422 7.36 -30.25 -8.70
CA LYS A 422 6.72 -31.42 -8.14
C LYS A 422 6.84 -32.62 -9.06
N HIS A 423 6.80 -32.40 -10.37
CA HIS A 423 6.53 -33.49 -11.30
C HIS A 423 7.77 -33.98 -12.06
N PHE A 424 8.89 -33.24 -12.02
CA PHE A 424 10.05 -33.59 -12.83
C PHE A 424 11.34 -33.31 -12.07
N ASP A 425 12.35 -34.10 -12.39
CA ASP A 425 13.74 -33.81 -12.11
C ASP A 425 14.37 -33.25 -13.37
N PHE A 426 15.22 -32.24 -13.22
CA PHE A 426 15.74 -31.52 -14.37
C PHE A 426 17.23 -31.75 -14.54
N GLU A 427 17.65 -31.88 -15.79
CA GLU A 427 19.04 -32.02 -16.15
C GLU A 427 19.45 -30.91 -17.09
N ASP A 428 20.59 -30.29 -16.79
CA ASP A 428 21.27 -29.35 -17.67
C ASP A 428 22.19 -30.17 -18.59
N HIS A 429 21.56 -30.87 -19.54
CA HIS A 429 22.27 -31.89 -20.30
C HIS A 429 23.34 -31.33 -21.25
N THR A 430 23.25 -30.04 -21.64
CA THR A 430 24.24 -29.44 -22.51
C THR A 430 25.26 -28.55 -21.79
N ASN A 431 25.14 -28.37 -20.48
CA ASN A 431 25.95 -27.38 -19.74
C ASN A 431 25.78 -26.01 -20.38
N TYR A 432 24.52 -25.60 -20.51
CA TYR A 432 24.13 -24.42 -21.27
C TYR A 432 24.91 -23.18 -20.81
N GLU A 433 25.51 -22.49 -21.78
CA GLU A 433 26.21 -21.23 -21.54
C GLU A 433 25.24 -20.06 -21.76
N LEU A 434 25.03 -19.27 -20.73
CA LEU A 434 23.98 -18.26 -20.78
C LEU A 434 24.28 -17.24 -21.87
N ASP A 435 23.27 -16.99 -22.69
CA ASP A 435 23.37 -16.04 -23.79
C ASP A 435 22.05 -15.30 -23.79
N ILE A 436 22.07 -14.04 -23.38
CA ILE A 436 20.85 -13.29 -23.17
C ILE A 436 20.54 -12.52 -24.46
N LYS A 437 19.52 -12.98 -25.16
CA LYS A 437 19.02 -12.33 -26.36
C LYS A 437 18.16 -11.15 -25.95
N GLU A 438 18.37 -10.02 -26.60
CA GLU A 438 17.65 -8.80 -26.25
C GLU A 438 16.68 -8.40 -27.35
N THR A 439 15.44 -8.18 -26.95
CA THR A 439 14.44 -7.48 -27.75
C THR A 439 14.13 -6.17 -27.03
N LEU A 440 12.88 -5.85 -26.75
CA LEU A 440 12.63 -4.93 -25.66
C LEU A 440 12.62 -5.66 -24.32
N THR A 441 12.68 -6.99 -24.34
CA THR A 441 12.81 -7.78 -23.12
C THR A 441 14.06 -8.67 -23.22
N LEU A 442 14.21 -9.60 -22.28
CA LEU A 442 15.42 -10.42 -22.16
C LEU A 442 15.02 -11.88 -22.07
N LYS A 443 15.81 -12.76 -22.69
CA LYS A 443 15.55 -14.19 -22.55
C LYS A 443 16.84 -14.96 -22.66
N PRO A 444 16.94 -16.14 -22.02
CA PRO A 444 18.12 -17.00 -22.22
C PRO A 444 18.02 -17.79 -23.51
N GLU A 445 18.57 -17.23 -24.59
CA GLU A 445 18.43 -17.82 -25.92
C GLU A 445 19.07 -19.20 -25.97
N GLY A 446 18.31 -20.17 -26.51
CA GLY A 446 18.80 -21.52 -26.69
C GLY A 446 18.85 -22.35 -25.44
N PHE A 447 18.33 -21.85 -24.31
CA PHE A 447 18.33 -22.60 -23.07
C PHE A 447 17.50 -23.86 -23.22
N VAL A 448 18.11 -25.03 -22.94
CA VAL A 448 17.43 -26.31 -23.08
C VAL A 448 17.75 -27.17 -21.86
N VAL A 449 16.80 -28.04 -21.53
CA VAL A 449 16.94 -28.99 -20.43
C VAL A 449 16.25 -30.28 -20.83
N LYS A 450 16.53 -31.33 -20.07
CA LYS A 450 15.78 -32.58 -20.13
C LYS A 450 15.02 -32.71 -18.82
N ALA A 451 13.78 -33.20 -18.87
CA ALA A 451 12.97 -33.31 -17.66
C ALA A 451 12.51 -34.75 -17.50
N LYS A 452 12.98 -35.40 -16.44
CA LYS A 452 12.63 -36.79 -16.21
C LYS A 452 11.45 -36.84 -15.25
N SER A 453 10.39 -37.53 -15.67
CA SER A 453 9.16 -37.53 -14.90
C SER A 453 9.36 -38.29 -13.58
N LYS A 454 8.89 -37.68 -12.49
CA LYS A 454 8.74 -38.42 -11.24
C LYS A 454 7.52 -39.32 -11.23
N LYS A 455 6.75 -39.36 -12.33
CA LYS A 455 5.62 -40.28 -12.51
C LYS A 455 4.54 -40.09 -11.45
N ILE A 456 4.25 -38.84 -11.12
CA ILE A 456 3.22 -38.49 -10.17
C ILE A 456 1.99 -38.03 -10.95
N PRO A 457 0.84 -38.68 -10.80
CA PRO A 457 -0.28 -38.41 -11.71
C PRO A 457 -0.96 -37.08 -11.42
N LEU A 458 -1.64 -36.58 -12.45
CA LEU A 458 -2.51 -35.41 -12.36
C LEU A 458 -3.97 -35.78 -12.13
N LEU A 459 -4.28 -37.07 -12.00
CA LEU A 459 -5.65 -37.48 -11.71
C LEU A 459 -5.74 -37.97 -10.27
N LYS B 6 -28.85 -17.69 7.52
CA LYS B 6 -28.06 -18.32 8.56
C LYS B 6 -28.24 -17.65 9.92
N GLU B 7 -28.27 -18.45 10.97
CA GLU B 7 -28.38 -17.95 12.34
C GLU B 7 -26.98 -17.71 12.90
N MET B 8 -26.71 -16.49 13.31
CA MET B 8 -25.34 -16.16 13.67
C MET B 8 -25.00 -16.66 15.07
N PRO B 9 -23.73 -16.95 15.33
CA PRO B 9 -23.32 -17.39 16.66
C PRO B 9 -23.40 -16.25 17.67
N GLN B 10 -23.32 -16.64 18.95
CA GLN B 10 -23.44 -15.70 20.05
C GLN B 10 -22.57 -16.19 21.20
N PRO B 11 -21.79 -15.31 21.85
CA PRO B 11 -20.93 -15.78 22.95
C PRO B 11 -21.72 -16.17 24.20
N LYS B 12 -21.03 -16.69 25.22
CA LYS B 12 -21.70 -17.19 26.41
C LYS B 12 -22.52 -16.09 27.09
N THR B 13 -23.61 -16.52 27.71
CA THR B 13 -24.58 -15.62 28.33
C THR B 13 -24.58 -15.76 29.85
N PHE B 14 -25.20 -14.78 30.51
CA PHE B 14 -25.27 -14.73 31.97
C PHE B 14 -26.73 -14.54 32.42
N GLY B 15 -27.57 -15.54 32.17
CA GLY B 15 -28.97 -15.41 32.55
C GLY B 15 -29.55 -14.13 32.01
N GLU B 16 -30.25 -13.39 32.89
CA GLU B 16 -30.99 -12.20 32.45
C GLU B 16 -30.07 -11.12 31.90
N LEU B 17 -28.80 -11.12 32.30
CA LEU B 17 -27.88 -10.11 31.78
C LEU B 17 -27.38 -10.43 30.37
N LYS B 18 -27.67 -11.62 29.84
CA LYS B 18 -27.30 -11.98 28.46
C LYS B 18 -25.78 -11.85 28.35
N ASN B 19 -25.26 -11.13 27.37
CA ASN B 19 -23.80 -11.04 27.15
C ASN B 19 -23.12 -9.91 27.90
N LEU B 20 -23.87 -9.06 28.62
CA LEU B 20 -23.28 -7.85 29.19
C LEU B 20 -22.06 -8.10 30.07
N PRO B 21 -22.04 -9.08 30.98
CA PRO B 21 -20.88 -9.26 31.86
C PRO B 21 -19.58 -9.51 31.14
N LEU B 22 -19.61 -9.96 29.89
CA LEU B 22 -18.38 -10.14 29.13
C LEU B 22 -17.62 -8.84 28.96
N LEU B 23 -18.32 -7.70 28.97
CA LEU B 23 -17.68 -6.40 28.89
C LEU B 23 -17.11 -5.94 30.22
N ASN B 24 -17.49 -6.61 31.31
CA ASN B 24 -17.00 -6.24 32.64
C ASN B 24 -15.65 -6.93 32.82
N THR B 25 -14.65 -6.36 32.16
CA THR B 25 -13.29 -6.89 32.15
C THR B 25 -12.36 -5.73 31.87
N ASP B 26 -11.10 -5.88 32.28
CA ASP B 26 -10.16 -4.78 32.11
C ASP B 26 -9.92 -4.47 30.63
N LYS B 27 -10.08 -5.45 29.76
CA LYS B 27 -9.66 -5.32 28.37
C LYS B 27 -10.78 -5.76 27.43
N PRO B 28 -11.85 -4.98 27.33
CA PRO B 28 -13.02 -5.45 26.56
C PRO B 28 -12.78 -5.58 25.06
N VAL B 29 -12.01 -4.68 24.45
CA VAL B 29 -11.75 -4.82 23.02
C VAL B 29 -11.04 -6.13 22.71
N GLN B 30 -10.05 -6.47 23.54
CA GLN B 30 -9.31 -7.72 23.34
C GLN B 30 -10.15 -8.93 23.67
N ALA B 31 -11.12 -8.81 24.59
CA ALA B 31 -12.09 -9.89 24.80
C ALA B 31 -12.97 -10.06 23.57
N LEU B 32 -13.41 -8.95 22.97
CA LEU B 32 -14.24 -9.04 21.77
C LEU B 32 -13.44 -9.63 20.60
N MET B 33 -12.15 -9.29 20.49
CA MET B 33 -11.32 -9.91 19.46
C MET B 33 -11.21 -11.42 19.67
N LYS B 34 -11.08 -11.86 20.92
CA LYS B 34 -10.99 -13.29 21.18
C LYS B 34 -12.29 -14.00 20.80
N ILE B 35 -13.43 -13.39 21.13
CA ILE B 35 -14.72 -13.97 20.74
C ILE B 35 -14.82 -14.07 19.24
N ALA B 36 -14.40 -13.02 18.52
CA ALA B 36 -14.39 -13.07 17.06
C ALA B 36 -13.49 -14.17 16.55
N ASP B 37 -12.32 -14.37 17.17
CA ASP B 37 -11.45 -15.48 16.82
C ASP B 37 -12.20 -16.81 16.90
N GLU B 38 -12.99 -16.99 17.98
CA GLU B 38 -13.69 -18.24 18.18
C GLU B 38 -14.95 -18.34 17.33
N LEU B 39 -15.68 -17.24 17.15
CA LEU B 39 -16.99 -17.33 16.53
C LEU B 39 -17.03 -16.91 15.06
N GLY B 40 -16.07 -16.12 14.59
CA GLY B 40 -15.97 -15.83 13.17
C GLY B 40 -16.42 -14.43 12.82
N GLU B 41 -16.79 -14.26 11.54
CA GLU B 41 -16.92 -12.94 10.96
C GLU B 41 -18.09 -12.14 11.51
N ILE B 42 -19.08 -12.78 12.12
CA ILE B 42 -20.19 -12.03 12.69
C ILE B 42 -20.71 -12.78 13.91
N PHE B 43 -20.99 -12.06 14.99
CA PHE B 43 -21.66 -12.65 16.14
C PHE B 43 -22.57 -11.64 16.81
N LYS B 44 -23.70 -12.15 17.30
CA LYS B 44 -24.69 -11.33 17.96
C LYS B 44 -24.28 -11.09 19.40
N PHE B 45 -24.54 -9.89 19.90
CA PHE B 45 -24.18 -9.53 21.26
C PHE B 45 -25.38 -8.85 21.90
N GLU B 46 -25.86 -9.43 23.00
CA GLU B 46 -27.08 -8.96 23.65
C GLU B 46 -26.78 -8.41 25.04
N ALA B 47 -27.54 -7.41 25.44
CA ALA B 47 -27.57 -6.95 26.81
C ALA B 47 -28.97 -6.43 27.07
N PRO B 48 -29.32 -6.17 28.35
CA PRO B 48 -30.65 -5.63 28.62
C PRO B 48 -30.92 -4.37 27.80
N GLY B 49 -32.00 -4.40 27.01
CA GLY B 49 -32.34 -3.27 26.18
C GLY B 49 -31.48 -3.03 24.96
N ARG B 50 -30.59 -3.95 24.60
CA ARG B 50 -29.65 -3.73 23.50
C ARG B 50 -29.38 -5.01 22.73
N VAL B 51 -29.41 -4.91 21.40
CA VAL B 51 -28.92 -5.96 20.50
C VAL B 51 -27.96 -5.31 19.49
N THR B 52 -26.81 -5.94 19.28
CA THR B 52 -25.93 -5.49 18.22
C THR B 52 -25.24 -6.71 17.62
N ARG B 53 -24.54 -6.49 16.51
CA ARG B 53 -23.85 -7.57 15.83
C ARG B 53 -22.44 -7.09 15.52
N TYR B 54 -21.43 -7.85 15.94
CA TYR B 54 -20.05 -7.45 15.73
C TYR B 54 -19.53 -8.06 14.43
N LEU B 55 -19.05 -7.21 13.52
CA LEU B 55 -18.51 -7.65 12.23
C LEU B 55 -16.99 -7.63 12.25
N SER B 56 -16.38 -8.64 11.63
CA SER B 56 -14.93 -8.79 11.61
C SER B 56 -14.35 -9.09 10.24
N SER B 57 -15.15 -9.40 9.23
CA SER B 57 -14.57 -9.71 7.93
C SER B 57 -14.72 -8.50 7.01
N GLN B 58 -13.71 -8.32 6.14
CA GLN B 58 -13.85 -7.34 5.07
C GLN B 58 -15.07 -7.65 4.19
N ARG B 59 -15.41 -8.93 4.05
CA ARG B 59 -16.54 -9.29 3.20
C ARG B 59 -17.82 -8.64 3.68
N LEU B 60 -18.07 -8.67 4.99
CA LEU B 60 -19.29 -8.05 5.50
C LEU B 60 -19.13 -6.56 5.74
N ILE B 61 -17.95 -6.13 6.18
CA ILE B 61 -17.74 -4.73 6.51
C ILE B 61 -17.79 -3.83 5.28
N LYS B 62 -17.36 -4.34 4.12
CA LYS B 62 -17.49 -3.54 2.91
C LYS B 62 -18.95 -3.24 2.59
N GLU B 63 -19.85 -4.18 2.88
CA GLU B 63 -21.28 -3.90 2.71
C GLU B 63 -21.77 -2.90 3.76
N ALA B 64 -21.30 -3.05 5.00
CA ALA B 64 -21.72 -2.13 6.05
C ALA B 64 -21.28 -0.70 5.74
N CYS B 65 -20.20 -0.53 4.98
CA CYS B 65 -19.69 0.80 4.68
C CYS B 65 -20.34 1.41 3.46
N ASP B 66 -21.34 0.75 2.89
CA ASP B 66 -22.22 1.31 1.87
C ASP B 66 -23.17 2.30 2.53
N GLU B 67 -22.87 3.59 2.39
CA GLU B 67 -23.67 4.65 3.02
C GLU B 67 -25.08 4.77 2.47
N SER B 68 -25.37 4.19 1.30
CA SER B 68 -26.75 4.19 0.84
C SER B 68 -27.60 3.18 1.63
N ARG B 69 -26.95 2.25 2.32
CA ARG B 69 -27.65 1.21 3.07
C ARG B 69 -27.50 1.37 4.58
N PHE B 70 -26.42 1.97 5.06
CA PHE B 70 -26.10 2.09 6.48
C PHE B 70 -25.55 3.48 6.80
N ASP B 71 -25.89 3.96 7.99
CA ASP B 71 -25.46 5.28 8.49
C ASP B 71 -24.77 5.08 9.83
N LYS B 72 -24.04 6.10 10.27
CA LYS B 72 -23.40 6.04 11.58
C LYS B 72 -24.43 5.96 12.71
N ASN B 73 -24.20 5.01 13.62
CA ASN B 73 -24.97 4.86 14.85
C ASN B 73 -24.13 5.35 16.01
N LEU B 74 -24.77 5.90 17.05
CA LEU B 74 -24.10 6.18 18.31
C LEU B 74 -24.12 4.90 19.15
N SER B 75 -22.96 4.28 19.31
CA SER B 75 -22.79 3.20 20.28
C SER B 75 -23.13 3.69 21.68
N GLN B 76 -23.24 2.74 22.62
CA GLN B 76 -23.49 3.14 24.00
C GLN B 76 -22.39 4.07 24.48
N ALA B 77 -21.14 3.79 24.11
CA ALA B 77 -20.04 4.64 24.55
C ALA B 77 -20.21 6.07 24.06
N LEU B 78 -20.53 6.24 22.77
CA LEU B 78 -20.70 7.58 22.23
C LEU B 78 -21.92 8.27 22.84
N LYS B 79 -22.98 7.51 23.16
CA LYS B 79 -24.15 8.13 23.77
C LYS B 79 -23.80 8.71 25.14
N PHE B 80 -22.92 8.04 25.88
CA PHE B 80 -22.49 8.54 27.17
C PHE B 80 -21.51 9.68 27.02
N VAL B 81 -20.63 9.63 26.00
CA VAL B 81 -19.72 10.74 25.78
C VAL B 81 -20.49 11.97 25.34
N ARG B 82 -21.63 11.78 24.68
CA ARG B 82 -22.48 12.89 24.29
C ARG B 82 -22.93 13.72 25.49
N ASP B 83 -22.90 13.15 26.70
CA ASP B 83 -23.22 13.97 27.87
C ASP B 83 -22.24 15.10 28.09
N PHE B 84 -21.02 15.03 27.55
CA PHE B 84 -20.14 16.19 27.59
C PHE B 84 -19.63 16.65 26.23
N ALA B 85 -19.73 15.82 25.19
CA ALA B 85 -19.34 16.26 23.85
C ALA B 85 -20.52 16.73 23.00
N GLY B 86 -21.74 16.67 23.53
CA GLY B 86 -22.90 17.30 22.94
C GLY B 86 -23.18 16.84 21.52
N ASP B 87 -23.68 17.76 20.71
CA ASP B 87 -23.75 17.50 19.28
C ASP B 87 -22.52 18.03 18.54
N GLY B 88 -21.33 17.87 19.14
CA GLY B 88 -20.10 17.97 18.37
C GLY B 88 -20.07 16.97 17.23
N LEU B 89 -19.04 17.05 16.37
CA LEU B 89 -19.04 16.25 15.15
C LEU B 89 -19.02 14.75 15.43
N GLY B 90 -18.34 14.31 16.49
CA GLY B 90 -18.20 12.90 16.76
C GLY B 90 -19.39 12.26 17.44
N THR B 91 -20.25 13.07 18.07
CA THR B 91 -21.38 12.53 18.82
C THR B 91 -22.71 13.06 18.32
N SER B 92 -22.75 13.59 17.09
CA SER B 92 -23.95 14.04 16.41
C SER B 92 -24.47 12.96 15.46
N TRP B 93 -25.79 12.85 15.32
CA TRP B 93 -26.35 12.00 14.28
C TRP B 93 -26.24 12.73 12.94
N THR B 94 -26.14 11.94 11.86
CA THR B 94 -25.96 12.54 10.54
C THR B 94 -27.11 13.48 10.17
N HIS B 95 -28.33 13.18 10.65
CA HIS B 95 -29.52 13.95 10.33
C HIS B 95 -29.74 15.17 11.24
N GLU B 96 -28.86 15.42 12.22
CA GLU B 96 -28.98 16.60 13.06
C GLU B 96 -28.42 17.81 12.31
N LYS B 97 -29.16 18.92 12.34
CA LYS B 97 -28.72 20.11 11.62
C LYS B 97 -27.26 20.45 11.91
N ASN B 98 -26.82 20.36 13.17
CA ASN B 98 -25.48 20.79 13.53
C ASN B 98 -24.38 19.88 13.00
N TRP B 99 -24.66 18.62 12.64
CA TRP B 99 -23.59 17.80 12.06
C TRP B 99 -23.14 18.37 10.72
N LYS B 100 -24.05 18.44 9.74
CA LYS B 100 -23.65 18.92 8.42
C LYS B 100 -23.15 20.36 8.48
N LYS B 101 -23.78 21.21 9.29
CA LYS B 101 -23.37 22.60 9.41
C LYS B 101 -21.92 22.70 9.89
N ALA B 102 -21.57 21.98 10.98
CA ALA B 102 -20.20 22.05 11.46
C ALA B 102 -19.24 21.33 10.54
N HIS B 103 -19.68 20.21 9.94
CA HIS B 103 -18.85 19.52 8.96
C HIS B 103 -18.47 20.45 7.80
N ASN B 104 -19.44 21.19 7.24
CA ASN B 104 -19.13 22.12 6.16
C ASN B 104 -18.17 23.21 6.61
N ILE B 105 -18.36 23.74 7.82
CA ILE B 105 -17.52 24.82 8.31
C ILE B 105 -16.10 24.34 8.57
N LEU B 106 -15.95 23.13 9.10
CA LEU B 106 -14.65 22.72 9.61
C LEU B 106 -13.83 21.94 8.61
N LEU B 107 -14.45 21.35 7.58
CA LEU B 107 -13.67 20.63 6.58
C LEU B 107 -12.45 21.40 6.09
N PRO B 108 -12.53 22.70 5.76
CA PRO B 108 -11.32 23.38 5.27
C PRO B 108 -10.26 23.56 6.33
N SER B 109 -10.63 23.61 7.60
CA SER B 109 -9.69 23.72 8.71
C SER B 109 -8.88 22.45 8.92
N PHE B 110 -9.25 21.33 8.28
CA PHE B 110 -8.62 20.05 8.56
C PHE B 110 -7.97 19.45 7.32
N SER B 111 -7.92 20.21 6.23
CA SER B 111 -7.42 19.71 4.96
C SER B 111 -5.90 19.61 5.00
N GLN B 112 -5.36 18.88 4.02
CA GLN B 112 -3.91 18.80 3.89
C GLN B 112 -3.30 20.20 3.75
N GLN B 113 -3.97 21.07 2.99
CA GLN B 113 -3.50 22.45 2.86
C GLN B 113 -3.52 23.17 4.19
N ALA B 114 -4.55 22.92 5.02
CA ALA B 114 -4.60 23.51 6.35
C ALA B 114 -3.39 23.13 7.18
N MET B 115 -2.85 21.92 6.98
CA MET B 115 -1.70 21.48 7.76
C MET B 115 -0.49 22.38 7.52
N LYS B 116 -0.41 23.03 6.36
CA LYS B 116 0.69 23.96 6.12
C LYS B 116 0.70 25.08 7.15
N GLY B 117 -0.49 25.52 7.57
CA GLY B 117 -0.57 26.58 8.57
C GLY B 117 -0.34 26.13 10.00
N TYR B 118 -0.67 24.88 10.31
CA TYR B 118 -0.46 24.30 11.65
C TYR B 118 0.96 23.77 11.85
N HIS B 119 1.72 23.62 10.78
CA HIS B 119 3.00 22.95 10.86
C HIS B 119 3.94 23.61 11.89
N ALA B 120 4.08 24.93 11.80
CA ALA B 120 5.04 25.62 12.68
C ALA B 120 4.69 25.43 14.15
N MET B 121 3.40 25.40 14.48
CA MET B 121 3.01 25.11 15.86
C MET B 121 3.29 23.65 16.22
N MET B 122 3.06 22.73 15.29
CA MET B 122 3.40 21.35 15.56
C MET B 122 4.89 21.21 15.83
N VAL B 123 5.71 21.96 15.10
CA VAL B 123 7.15 21.87 15.27
C VAL B 123 7.56 22.40 16.65
N ASP B 124 6.92 23.47 17.09
CA ASP B 124 7.20 24.02 18.43
C ASP B 124 7.13 22.92 19.48
N ILE B 125 6.06 22.14 19.46
CA ILE B 125 5.89 21.12 20.48
C ILE B 125 6.86 19.95 20.28
N ALA B 126 7.04 19.52 19.02
CA ALA B 126 7.94 18.40 18.75
C ALA B 126 9.36 18.72 19.20
N VAL B 127 9.79 19.95 18.97
CA VAL B 127 11.10 20.37 19.47
C VAL B 127 11.18 20.23 20.98
N GLN B 128 10.12 20.61 21.70
CA GLN B 128 10.13 20.42 23.15
C GLN B 128 10.30 18.96 23.53
N LEU B 129 9.64 18.04 22.81
CA LEU B 129 9.82 16.62 23.08
C LEU B 129 11.27 16.18 22.83
N VAL B 130 11.84 16.59 21.71
CA VAL B 130 13.22 16.20 21.42
C VAL B 130 14.17 16.76 22.47
N GLN B 131 13.97 18.02 22.86
CA GLN B 131 14.86 18.66 23.83
C GLN B 131 14.75 17.99 25.20
N LYS B 132 13.54 17.58 25.59
CA LYS B 132 13.42 16.81 26.83
C LYS B 132 14.31 15.58 26.79
N TRP B 133 14.20 14.78 25.73
CA TRP B 133 14.95 13.54 25.66
C TRP B 133 16.44 13.78 25.51
N GLU B 134 16.84 14.88 24.87
CA GLU B 134 18.25 15.22 24.80
C GLU B 134 18.83 15.51 26.19
N ARG B 135 17.99 15.91 27.14
CA ARG B 135 18.41 16.36 28.46
C ARG B 135 18.33 15.28 29.53
N LEU B 136 17.91 14.08 29.17
CA LEU B 136 17.87 12.98 30.12
C LEU B 136 19.29 12.53 30.46
N ASN B 137 19.49 12.08 31.70
CA ASN B 137 20.79 11.57 32.11
C ASN B 137 20.98 10.12 31.63
N ALA B 138 22.24 9.72 31.59
CA ALA B 138 22.59 8.35 31.23
C ALA B 138 21.78 7.36 32.05
N ASP B 139 21.17 6.39 31.37
CA ASP B 139 20.41 5.32 32.01
C ASP B 139 19.17 5.84 32.74
N GLU B 140 18.81 7.10 32.56
CA GLU B 140 17.39 7.44 32.72
C GLU B 140 16.64 6.91 31.49
N HIS B 141 15.35 6.67 31.67
CA HIS B 141 14.55 6.10 30.60
C HIS B 141 13.36 7.00 30.34
N ILE B 142 12.65 6.71 29.24
CA ILE B 142 11.49 7.44 28.77
C ILE B 142 10.24 6.62 29.07
N GLU B 143 9.21 7.27 29.62
CA GLU B 143 7.89 6.68 29.77
C GLU B 143 7.12 7.07 28.52
N VAL B 144 7.03 6.15 27.56
CA VAL B 144 6.66 6.52 26.19
C VAL B 144 5.22 7.06 26.11
N PRO B 145 4.20 6.30 26.54
CA PRO B 145 2.82 6.82 26.45
C PRO B 145 2.67 8.18 27.13
N GLU B 146 3.30 8.34 28.28
CA GLU B 146 3.25 9.60 29.02
C GLU B 146 3.79 10.77 28.20
N ASP B 147 4.97 10.65 27.61
CA ASP B 147 5.54 11.73 26.79
C ASP B 147 4.81 11.98 25.46
N MET B 148 4.31 10.91 24.87
CA MET B 148 3.57 11.03 23.65
C MET B 148 2.28 11.80 23.93
N THR B 149 1.68 11.56 25.08
CA THR B 149 0.46 12.30 25.44
C THR B 149 0.74 13.77 25.70
N ARG B 150 1.86 14.07 26.32
CA ARG B 150 2.25 15.45 26.48
C ARG B 150 2.32 16.15 25.15
N LEU B 151 2.95 15.49 24.19
CA LEU B 151 3.04 16.06 22.86
C LEU B 151 1.70 16.27 22.14
N THR B 152 0.89 15.23 22.10
CA THR B 152 -0.36 15.34 21.38
C THR B 152 -1.33 16.34 22.00
N LEU B 153 -1.43 16.32 23.30
CA LEU B 153 -2.29 17.30 23.97
C LEU B 153 -1.82 18.75 23.71
N ASP B 154 -0.52 18.97 23.81
CA ASP B 154 0.00 20.31 23.61
C ASP B 154 -0.19 20.79 22.19
N THR B 155 -0.09 19.84 21.27
CA THR B 155 -0.22 20.20 19.88
C THR B 155 -1.66 20.64 19.56
N ILE B 156 -2.62 19.89 20.07
CA ILE B 156 -4.02 20.27 19.87
C ILE B 156 -4.40 21.57 20.61
N GLY B 157 -3.83 21.81 21.76
CA GLY B 157 -4.13 23.04 22.45
C GLY B 157 -3.68 24.24 21.66
N LEU B 158 -2.47 24.18 21.14
CA LEU B 158 -1.92 25.28 20.39
C LEU B 158 -2.60 25.45 19.03
N CYS B 159 -2.74 24.37 18.29
CA CYS B 159 -3.44 24.44 17.03
C CYS B 159 -4.93 24.65 17.13
N GLY B 160 -5.51 24.22 18.20
CA GLY B 160 -6.90 24.39 18.39
C GLY B 160 -7.37 25.76 18.88
N PHE B 161 -6.70 26.31 19.88
CA PHE B 161 -7.12 27.56 20.46
C PHE B 161 -6.01 28.46 21.01
N ASN B 162 -4.79 28.25 20.52
CA ASN B 162 -3.65 29.06 20.95
C ASN B 162 -3.41 29.00 22.46
N TYR B 163 -3.58 27.84 23.02
CA TYR B 163 -3.35 27.66 24.44
C TYR B 163 -2.19 26.73 24.70
N ARG B 164 -1.33 27.11 25.63
CA ARG B 164 -0.25 26.25 25.98
C ARG B 164 -0.53 25.46 27.23
N PHE B 165 -0.78 24.17 27.08
CA PHE B 165 -0.95 23.29 28.24
C PHE B 165 0.38 23.14 28.98
N ASN B 166 1.48 23.36 28.27
CA ASN B 166 2.78 23.31 28.87
C ASN B 166 3.00 22.00 29.60
N SER B 167 2.64 20.91 28.96
CA SER B 167 2.74 19.63 29.57
C SER B 167 4.17 19.13 29.88
N PHE B 168 5.15 19.69 29.21
CA PHE B 168 6.52 19.32 29.51
C PHE B 168 7.08 20.06 30.74
N TYR B 169 6.27 20.91 31.36
CA TYR B 169 6.68 21.65 32.53
C TYR B 169 6.01 21.14 33.80
N ARG B 170 5.26 20.03 33.69
CA ARG B 170 4.40 19.60 34.78
C ARG B 170 4.34 18.08 34.84
N ASP B 171 4.12 17.58 36.05
CA ASP B 171 3.72 16.20 36.27
C ASP B 171 2.21 16.05 36.42
N GLN B 172 1.60 16.86 37.28
CA GLN B 172 0.15 16.80 37.47
C GLN B 172 -0.57 17.37 36.25
N PRO B 173 -1.70 16.78 35.85
CA PRO B 173 -2.38 17.27 34.65
C PRO B 173 -3.09 18.60 34.89
N HIS B 174 -3.44 19.23 33.77
CA HIS B 174 -4.26 20.43 33.78
C HIS B 174 -5.63 20.13 34.37
N PRO B 175 -6.22 21.05 35.14
CA PRO B 175 -7.58 20.80 35.67
C PRO B 175 -8.59 20.36 34.64
N PHE B 176 -8.56 20.92 33.43
CA PHE B 176 -9.50 20.45 32.41
C PHE B 176 -9.27 18.99 32.10
N ILE B 177 -8.01 18.59 31.98
CA ILE B 177 -7.69 17.22 31.62
C ILE B 177 -8.05 16.26 32.74
N THR B 178 -7.82 16.67 33.99
CA THR B 178 -8.23 15.84 35.12
C THR B 178 -9.71 15.50 35.02
N SER B 179 -10.52 16.50 34.71
CA SER B 179 -11.96 16.27 34.62
C SER B 179 -12.32 15.50 33.36
N MET B 180 -11.60 15.72 32.26
CA MET B 180 -11.89 15.01 31.03
C MET B 180 -11.57 13.52 31.16
N VAL B 181 -10.42 13.20 31.75
CA VAL B 181 -10.02 11.81 31.94
C VAL B 181 -10.97 11.11 32.92
N ARG B 182 -11.35 11.80 33.99
CA ARG B 182 -12.25 11.21 34.97
C ARG B 182 -13.66 11.01 34.38
N ALA B 183 -14.08 11.90 33.48
CA ALA B 183 -15.37 11.67 32.82
C ALA B 183 -15.29 10.51 31.84
N LEU B 184 -14.20 10.43 31.07
CA LEU B 184 -14.05 9.30 30.16
C LEU B 184 -13.94 8.00 30.94
N ASP B 185 -13.33 8.06 32.13
CA ASP B 185 -13.27 6.88 32.99
C ASP B 185 -14.65 6.49 33.47
N GLU B 186 -15.49 7.47 33.86
CA GLU B 186 -16.84 7.13 34.27
C GLU B 186 -17.62 6.50 33.12
N VAL B 187 -17.40 6.97 31.89
CA VAL B 187 -18.07 6.37 30.75
C VAL B 187 -17.74 4.89 30.65
N MET B 188 -16.44 4.55 30.72
CA MET B 188 -16.06 3.14 30.64
C MET B 188 -16.71 2.32 31.74
N ASN B 189 -16.60 2.78 33.00
CA ASN B 189 -17.16 2.01 34.10
C ASN B 189 -18.67 1.87 33.94
N LYS B 190 -19.33 2.94 33.50
CA LYS B 190 -20.77 2.88 33.30
C LYS B 190 -21.14 1.80 32.30
N LEU B 191 -20.31 1.60 31.28
CA LEU B 191 -20.57 0.56 30.29
C LEU B 191 -20.50 -0.84 30.87
N GLN B 192 -19.77 -1.01 31.99
CA GLN B 192 -19.52 -2.33 32.56
C GLN B 192 -20.41 -2.64 33.75
N ARG B 193 -21.35 -1.77 34.10
CA ARG B 193 -22.21 -1.94 35.27
C ARG B 193 -23.41 -2.80 34.92
N ALA B 194 -23.56 -3.93 35.62
CA ALA B 194 -24.75 -4.77 35.44
C ALA B 194 -25.99 -4.13 36.05
N ASN B 195 -25.82 -3.34 37.11
CA ASN B 195 -26.93 -2.70 37.83
C ASN B 195 -26.67 -1.20 37.94
N PRO B 196 -26.80 -0.47 36.83
CA PRO B 196 -26.34 0.93 36.80
C PRO B 196 -27.19 1.89 37.63
N ASP B 197 -28.40 1.51 38.03
CA ASP B 197 -29.23 2.33 38.91
C ASP B 197 -28.90 2.15 40.39
N ASP B 198 -28.02 1.22 40.73
CA ASP B 198 -27.69 0.97 42.13
C ASP B 198 -27.23 2.26 42.81
N PRO B 199 -27.83 2.65 43.94
CA PRO B 199 -27.38 3.85 44.65
C PRO B 199 -25.91 3.82 45.06
N ALA B 200 -25.22 2.69 44.95
CA ALA B 200 -23.79 2.66 45.24
C ALA B 200 -22.99 3.50 44.25
N TYR B 201 -23.58 3.82 43.11
CA TYR B 201 -22.93 4.64 42.10
C TYR B 201 -23.31 6.11 42.18
N ASP B 202 -24.11 6.50 43.18
CA ASP B 202 -24.53 7.89 43.29
C ASP B 202 -23.33 8.83 43.36
N GLU B 203 -22.29 8.46 44.11
CA GLU B 203 -21.10 9.30 44.17
C GLU B 203 -20.43 9.42 42.79
N ASN B 204 -20.30 8.30 42.07
CA ASN B 204 -19.75 8.38 40.72
C ASN B 204 -20.56 9.35 39.86
N LYS B 205 -21.88 9.34 40.00
CA LYS B 205 -22.72 10.17 39.14
C LYS B 205 -22.60 11.64 39.52
N ARG B 206 -22.47 11.96 40.81
CA ARG B 206 -22.30 13.36 41.16
C ARG B 206 -20.95 13.87 40.66
N GLN B 207 -19.89 13.08 40.83
CA GLN B 207 -18.58 13.47 40.30
C GLN B 207 -18.63 13.66 38.80
N PHE B 208 -19.36 12.80 38.09
CA PHE B 208 -19.52 12.96 36.64
C PHE B 208 -20.10 14.34 36.31
N GLN B 209 -21.20 14.70 36.95
CA GLN B 209 -21.78 16.03 36.74
C GLN B 209 -20.78 17.12 37.09
N GLU B 210 -20.04 16.94 38.18
CA GLU B 210 -19.03 17.93 38.57
C GLU B 210 -17.97 18.09 37.50
N ASP B 211 -17.53 16.97 36.91
CA ASP B 211 -16.53 17.02 35.85
C ASP B 211 -17.06 17.66 34.58
N ILE B 212 -18.34 17.45 34.25
CA ILE B 212 -18.89 18.09 33.07
C ILE B 212 -18.94 19.59 33.25
N LYS B 213 -19.34 20.06 34.44
CA LYS B 213 -19.37 21.48 34.73
C LYS B 213 -17.98 22.10 34.59
N VAL B 214 -16.96 21.41 35.09
CA VAL B 214 -15.60 21.93 35.00
C VAL B 214 -15.20 22.14 33.54
N MET B 215 -15.47 21.14 32.70
CA MET B 215 -15.10 21.23 31.30
C MET B 215 -15.85 22.37 30.61
N ASN B 216 -17.16 22.47 30.87
CA ASN B 216 -17.96 23.52 30.25
C ASN B 216 -17.47 24.90 30.66
N ASP B 217 -17.27 25.10 31.96
CA ASP B 217 -16.85 26.41 32.45
C ASP B 217 -15.51 26.84 31.85
N LEU B 218 -14.55 25.92 31.78
CA LEU B 218 -13.22 26.28 31.29
C LEU B 218 -13.23 26.56 29.78
N VAL B 219 -13.95 25.73 29.01
CA VAL B 219 -13.97 25.94 27.57
C VAL B 219 -14.82 27.15 27.21
N ASP B 220 -15.91 27.38 27.95
CA ASP B 220 -16.71 28.58 27.69
C ASP B 220 -15.91 29.85 27.97
N LYS B 221 -15.04 29.81 28.98
CA LYS B 221 -14.19 30.97 29.28
C LYS B 221 -13.17 31.22 28.16
N ILE B 222 -12.55 30.15 27.64
CA ILE B 222 -11.70 30.27 26.46
C ILE B 222 -12.43 31.01 25.34
N ILE B 223 -13.63 30.54 25.01
CA ILE B 223 -14.39 31.16 23.92
C ILE B 223 -14.70 32.61 24.24
N ALA B 224 -15.30 32.85 25.42
CA ALA B 224 -15.60 34.22 25.82
C ALA B 224 -14.35 35.08 25.83
N ASP B 225 -13.22 34.51 26.30
CA ASP B 225 -11.98 35.29 26.32
C ASP B 225 -11.55 35.72 24.93
N ARG B 226 -11.68 34.81 23.95
CA ARG B 226 -11.25 35.12 22.59
C ARG B 226 -12.19 36.12 21.92
N LYS B 227 -13.49 35.97 22.13
CA LYS B 227 -14.43 36.93 21.57
C LYS B 227 -14.19 38.34 22.10
N ALA B 228 -13.77 38.46 23.37
CA ALA B 228 -13.52 39.77 23.96
C ALA B 228 -12.24 40.39 23.39
N SER B 229 -11.18 39.60 23.26
CA SER B 229 -9.91 40.17 22.83
C SER B 229 -9.97 40.59 21.37
N GLY B 230 -10.68 39.82 20.54
CA GLY B 230 -10.86 40.10 19.13
C GLY B 230 -9.72 39.69 18.22
N GLU B 231 -8.66 39.09 18.75
CA GLU B 231 -7.50 38.82 17.92
C GLU B 231 -7.75 37.61 17.05
N GLN B 232 -7.14 37.63 15.86
CA GLN B 232 -7.32 36.61 14.83
C GLN B 232 -6.05 35.77 14.76
N SER B 233 -6.04 34.67 15.51
CA SER B 233 -5.00 33.66 15.40
C SER B 233 -5.42 32.62 14.35
N ASP B 234 -4.45 31.82 13.92
CA ASP B 234 -4.70 30.85 12.85
C ASP B 234 -4.99 29.47 13.44
N ASP B 235 -6.01 29.41 14.28
CA ASP B 235 -6.34 28.20 15.02
C ASP B 235 -7.82 27.85 14.80
N LEU B 236 -8.19 26.64 15.23
CA LEU B 236 -9.55 26.15 14.99
C LEU B 236 -10.58 27.10 15.56
N LEU B 237 -10.27 27.73 16.71
CA LEU B 237 -11.24 28.61 17.35
C LEU B 237 -11.58 29.82 16.48
N THR B 238 -10.56 30.47 15.93
CA THR B 238 -10.80 31.59 15.02
C THR B 238 -11.66 31.17 13.84
N HIS B 239 -11.37 29.99 13.29
CA HIS B 239 -12.13 29.49 12.14
C HIS B 239 -13.60 29.28 12.50
N MET B 240 -13.86 28.72 13.67
CA MET B 240 -15.23 28.51 14.12
C MET B 240 -15.95 29.82 14.46
N LEU B 241 -15.22 30.81 15.02
CA LEU B 241 -15.87 32.07 15.32
C LEU B 241 -16.22 32.85 14.06
N ASN B 242 -15.44 32.69 13.00
CA ASN B 242 -15.64 33.44 11.77
C ASN B 242 -16.35 32.66 10.67
N GLY B 243 -16.40 31.33 10.77
CA GLY B 243 -16.85 30.51 9.65
C GLY B 243 -18.36 30.56 9.46
N LYS B 244 -18.78 30.47 8.20
CA LYS B 244 -20.20 30.39 7.88
C LYS B 244 -20.43 29.15 7.01
N ASP B 245 -21.46 28.39 7.34
CA ASP B 245 -21.82 27.24 6.53
C ASP B 245 -22.45 27.71 5.22
N PRO B 246 -21.96 27.24 4.07
CA PRO B 246 -22.55 27.69 2.80
C PRO B 246 -24.00 27.26 2.62
N GLU B 247 -24.41 26.16 3.24
CA GLU B 247 -25.76 25.64 3.05
C GLU B 247 -26.79 26.45 3.83
N THR B 248 -26.64 26.51 5.14
CA THR B 248 -27.55 27.28 5.98
C THR B 248 -27.23 28.77 5.98
N GLY B 249 -25.99 29.13 5.60
CA GLY B 249 -25.52 30.48 5.79
C GLY B 249 -25.18 30.83 7.22
N GLU B 250 -25.31 29.88 8.18
CA GLU B 250 -25.17 30.26 9.57
C GLU B 250 -23.79 29.89 10.10
N PRO B 251 -23.29 30.64 11.09
CA PRO B 251 -22.11 30.21 11.84
C PRO B 251 -22.49 29.30 13.00
N LEU B 252 -21.49 28.61 13.55
CA LEU B 252 -21.73 27.80 14.74
C LEU B 252 -22.01 28.74 15.91
N ASP B 253 -22.90 28.32 16.82
CA ASP B 253 -23.06 29.17 17.98
C ASP B 253 -22.15 28.70 19.10
N ASP B 254 -22.10 29.48 20.17
CA ASP B 254 -21.04 29.29 21.17
C ASP B 254 -21.16 27.94 21.85
N GLU B 255 -22.37 27.47 22.10
CA GLU B 255 -22.51 26.16 22.71
C GLU B 255 -21.89 25.08 21.83
N ASN B 256 -22.19 25.09 20.53
CA ASN B 256 -21.67 24.03 19.69
C ASN B 256 -20.15 24.13 19.53
N ILE B 257 -19.63 25.36 19.43
CA ILE B 257 -18.18 25.55 19.42
C ILE B 257 -17.53 24.87 20.62
N ARG B 258 -18.14 25.04 21.80
CA ARG B 258 -17.62 24.38 22.99
C ARG B 258 -17.59 22.87 22.83
N TYR B 259 -18.67 22.28 22.32
CA TYR B 259 -18.68 20.83 22.07
C TYR B 259 -17.57 20.43 21.12
N GLN B 260 -17.33 21.21 20.06
CA GLN B 260 -16.25 20.89 19.13
C GLN B 260 -14.90 20.89 19.83
N ILE B 261 -14.65 21.91 20.65
CA ILE B 261 -13.37 22.01 21.34
C ILE B 261 -13.17 20.81 22.25
N ILE B 262 -14.20 20.47 23.03
CA ILE B 262 -14.13 19.28 23.87
C ILE B 262 -13.85 18.03 23.03
N THR B 263 -14.56 17.88 21.92
CA THR B 263 -14.36 16.73 21.03
C THR B 263 -12.92 16.66 20.53
N PHE B 264 -12.36 17.80 20.14
CA PHE B 264 -10.99 17.81 19.63
C PHE B 264 -9.99 17.47 20.71
N LEU B 265 -10.21 17.97 21.92
CA LEU B 265 -9.28 17.66 23.01
C LEU B 265 -9.32 16.18 23.34
N ILE B 266 -10.51 15.59 23.32
CA ILE B 266 -10.59 14.15 23.53
C ILE B 266 -9.79 13.43 22.44
N ALA B 267 -10.05 13.78 21.17
CA ALA B 267 -9.41 13.08 20.06
C ALA B 267 -7.89 13.25 20.08
N GLY B 268 -7.42 14.42 20.43
CA GLY B 268 -6.00 14.70 20.33
C GLY B 268 -5.19 14.33 21.54
N HIS B 269 -5.84 13.79 22.57
CA HIS B 269 -5.20 13.33 23.79
C HIS B 269 -4.72 11.90 23.56
N GLU B 270 -5.23 10.91 24.31
CA GLU B 270 -4.61 9.60 24.26
C GLU B 270 -4.96 8.81 23.00
N VAL B 271 -6.11 9.08 22.38
CA VAL B 271 -6.39 8.49 21.07
C VAL B 271 -5.20 8.70 20.14
N THR B 272 -4.74 9.95 20.00
CA THR B 272 -3.66 10.19 19.04
C THR B 272 -2.29 9.77 19.62
N SER B 273 -2.04 9.96 20.92
CA SER B 273 -0.74 9.53 21.40
C SER B 273 -0.60 8.01 21.38
N GLY B 274 -1.72 7.29 21.42
CA GLY B 274 -1.65 5.84 21.29
C GLY B 274 -0.98 5.39 20.01
N LEU B 275 -1.28 6.05 18.89
CA LEU B 275 -0.62 5.71 17.63
C LEU B 275 0.89 5.82 17.76
N LEU B 276 1.38 6.95 18.31
CA LEU B 276 2.81 7.14 18.46
C LEU B 276 3.43 6.09 19.39
N SER B 277 2.76 5.78 20.50
CA SER B 277 3.29 4.79 21.43
C SER B 277 3.38 3.41 20.79
N PHE B 278 2.32 3.01 20.07
CA PHE B 278 2.34 1.73 19.36
C PHE B 278 3.38 1.71 18.26
N ALA B 279 3.52 2.83 17.52
CA ALA B 279 4.53 2.86 16.47
C ALA B 279 5.92 2.66 17.07
N LEU B 280 6.22 3.36 18.16
CA LEU B 280 7.56 3.23 18.73
C LEU B 280 7.76 1.84 19.31
N TYR B 281 6.73 1.25 19.92
CA TYR B 281 6.84 -0.12 20.40
C TYR B 281 7.17 -1.10 19.26
N PHE B 282 6.43 -1.03 18.15
CA PHE B 282 6.72 -1.93 17.05
C PHE B 282 8.11 -1.67 16.45
N LEU B 283 8.55 -0.42 16.42
CA LEU B 283 9.86 -0.13 15.85
C LEU B 283 10.96 -0.78 16.69
N VAL B 284 10.87 -0.72 18.02
CA VAL B 284 11.94 -1.27 18.85
C VAL B 284 11.87 -2.80 18.90
N LYS B 285 10.70 -3.40 18.63
CA LYS B 285 10.60 -4.85 18.54
C LYS B 285 11.00 -5.38 17.16
N ASN B 286 11.31 -4.50 16.21
CA ASN B 286 11.55 -4.90 14.82
C ASN B 286 12.68 -4.05 14.27
N PRO B 287 13.92 -4.32 14.70
CA PRO B 287 15.05 -3.44 14.37
C PRO B 287 15.29 -3.22 12.87
N HIS B 288 14.99 -4.20 12.02
CA HIS B 288 15.15 -3.93 10.59
C HIS B 288 14.26 -2.78 10.15
N VAL B 289 13.01 -2.75 10.64
CA VAL B 289 12.08 -1.68 10.29
C VAL B 289 12.58 -0.35 10.84
N LEU B 290 13.04 -0.36 12.09
CA LEU B 290 13.57 0.86 12.70
C LEU B 290 14.70 1.42 11.84
N GLN B 291 15.62 0.55 11.40
CA GLN B 291 16.72 1.00 10.56
C GLN B 291 16.22 1.69 9.29
N LYS B 292 15.23 1.08 8.60
CA LYS B 292 14.73 1.68 7.37
C LYS B 292 14.08 3.03 7.62
N ALA B 293 13.25 3.11 8.67
CA ALA B 293 12.61 4.37 9.05
C ALA B 293 13.64 5.42 9.45
N ALA B 294 14.68 5.02 10.19
CA ALA B 294 15.71 5.97 10.61
C ALA B 294 16.54 6.46 9.43
N GLU B 295 16.82 5.56 8.48
CA GLU B 295 17.54 5.98 7.28
C GLU B 295 16.74 7.05 6.53
N GLU B 296 15.42 6.87 6.44
CA GLU B 296 14.61 7.85 5.74
C GLU B 296 14.62 9.19 6.46
N ALA B 297 14.47 9.17 7.79
CA ALA B 297 14.45 10.40 8.57
C ALA B 297 15.74 11.18 8.40
N ALA B 298 16.87 10.48 8.46
CA ALA B 298 18.16 11.15 8.30
C ALA B 298 18.31 11.74 6.90
N ARG B 299 17.83 11.01 5.89
CA ARG B 299 17.97 11.44 4.50
C ARG B 299 17.12 12.66 4.20
N VAL B 300 15.90 12.68 4.73
CA VAL B 300 14.91 13.68 4.34
C VAL B 300 14.99 14.92 5.22
N LEU B 301 15.19 14.75 6.52
CA LEU B 301 15.13 15.87 7.48
C LEU B 301 16.51 16.49 7.63
N VAL B 302 16.90 17.22 6.57
CA VAL B 302 18.26 17.74 6.47
C VAL B 302 18.42 19.13 7.09
N ASP B 303 17.35 19.71 7.62
CA ASP B 303 17.41 21.01 8.28
C ASP B 303 17.18 20.90 9.77
N PRO B 304 17.71 21.86 10.54
CA PRO B 304 17.52 21.82 12.01
C PRO B 304 16.08 21.64 12.42
N VAL B 305 15.15 22.21 11.66
CA VAL B 305 13.73 22.09 11.93
C VAL B 305 13.04 21.58 10.67
N PRO B 306 12.16 20.58 10.75
CA PRO B 306 11.53 20.04 9.53
C PRO B 306 10.56 21.04 8.91
N SER B 307 10.55 21.06 7.58
CA SER B 307 9.54 21.81 6.85
C SER B 307 8.33 20.91 6.56
N TYR B 308 7.21 21.56 6.19
CA TYR B 308 6.03 20.79 5.80
C TYR B 308 6.33 19.89 4.60
N LYS B 309 7.02 20.44 3.58
CA LYS B 309 7.41 19.67 2.40
C LYS B 309 8.21 18.43 2.80
N GLN B 310 9.16 18.58 3.73
CA GLN B 310 9.97 17.46 4.18
C GLN B 310 9.12 16.37 4.84
N VAL B 311 8.22 16.74 5.76
CA VAL B 311 7.39 15.75 6.43
C VAL B 311 6.60 14.92 5.42
N LYS B 312 6.13 15.56 4.35
CA LYS B 312 5.35 14.85 3.34
C LYS B 312 6.19 13.80 2.62
N GLN B 313 7.51 13.98 2.58
CA GLN B 313 8.41 13.03 1.95
C GLN B 313 8.74 11.84 2.82
N LEU B 314 8.23 11.77 4.04
CA LEU B 314 8.57 10.68 4.96
C LEU B 314 7.64 9.50 4.71
N LYS B 315 7.81 8.92 3.51
CA LYS B 315 6.88 7.88 3.06
C LYS B 315 6.92 6.65 3.95
N TYR B 316 8.13 6.14 4.25
CA TYR B 316 8.23 4.93 5.06
C TYR B 316 7.79 5.18 6.51
N VAL B 317 8.05 6.36 7.06
CA VAL B 317 7.48 6.71 8.35
C VAL B 317 5.96 6.62 8.28
N GLY B 318 5.37 7.16 7.21
CA GLY B 318 3.93 7.00 6.99
C GLY B 318 3.50 5.53 6.98
N MET B 319 4.28 4.67 6.32
CA MET B 319 3.93 3.24 6.28
C MET B 319 4.03 2.59 7.65
N VAL B 320 5.01 2.98 8.47
CA VAL B 320 5.09 2.47 9.84
C VAL B 320 3.83 2.85 10.62
N LEU B 321 3.40 4.10 10.48
CA LEU B 321 2.22 4.55 11.21
C LEU B 321 0.96 3.81 10.75
N ASN B 322 0.83 3.54 9.45
CA ASN B 322 -0.30 2.77 8.98
C ASN B 322 -0.30 1.36 9.53
N GLU B 323 0.88 0.72 9.60
CA GLU B 323 0.94 -0.65 10.10
C GLU B 323 0.72 -0.69 11.61
N ALA B 324 1.04 0.40 12.31
CA ALA B 324 0.67 0.45 13.72
C ALA B 324 -0.84 0.59 13.87
N LEU B 325 -1.44 1.42 13.01
CA LEU B 325 -2.89 1.54 12.96
C LEU B 325 -3.57 0.26 12.51
N ARG B 326 -2.90 -0.55 11.69
CA ARG B 326 -3.50 -1.81 11.29
C ARG B 326 -3.64 -2.72 12.49
N LEU B 327 -2.56 -2.88 13.27
CA LEU B 327 -2.59 -3.85 14.35
C LEU B 327 -3.36 -3.33 15.58
N TRP B 328 -3.16 -2.08 16.00
CA TRP B 328 -3.84 -1.55 17.19
C TRP B 328 -4.45 -0.18 16.94
N PRO B 329 -5.53 -0.14 16.16
CA PRO B 329 -6.17 1.14 15.86
C PRO B 329 -6.77 1.71 17.14
N THR B 330 -6.48 2.98 17.41
CA THR B 330 -6.77 3.51 18.74
C THR B 330 -8.21 3.98 18.92
N VAL B 331 -9.00 4.02 17.85
CA VAL B 331 -10.47 4.06 17.97
C VAL B 331 -10.94 2.70 17.48
N PRO B 332 -11.07 1.71 18.36
CA PRO B 332 -11.11 0.32 17.90
C PRO B 332 -12.43 -0.14 17.32
N ALA B 333 -13.47 0.68 17.35
CA ALA B 333 -14.74 0.26 16.75
C ALA B 333 -15.56 1.49 16.39
N PHE B 334 -16.49 1.30 15.46
CA PHE B 334 -17.53 2.28 15.19
C PHE B 334 -18.80 1.53 14.85
N SER B 335 -19.90 2.25 14.94
CA SER B 335 -21.23 1.64 14.93
C SER B 335 -22.02 2.17 13.75
N LEU B 336 -22.91 1.32 13.23
CA LEU B 336 -23.75 1.65 12.09
C LEU B 336 -25.16 1.15 12.36
N TYR B 337 -26.12 1.67 11.59
CA TYR B 337 -27.47 1.12 11.63
C TYR B 337 -28.03 0.99 10.23
N ALA B 338 -28.94 0.03 10.08
CA ALA B 338 -29.59 -0.21 8.78
C ALA B 338 -30.57 0.92 8.50
N LYS B 339 -30.35 1.65 7.40
CA LYS B 339 -31.31 2.68 7.00
C LYS B 339 -32.65 2.09 6.60
N GLU B 340 -32.65 0.88 6.05
CA GLU B 340 -33.88 0.18 5.73
C GLU B 340 -33.67 -1.32 5.95
N ASP B 341 -34.75 -2.08 5.81
CA ASP B 341 -34.64 -3.53 5.73
C ASP B 341 -33.62 -3.91 4.66
N THR B 342 -32.76 -4.87 4.97
CA THR B 342 -31.73 -5.28 4.02
C THR B 342 -31.16 -6.63 4.48
N VAL B 343 -30.34 -7.22 3.61
CA VAL B 343 -29.68 -8.49 3.92
C VAL B 343 -28.17 -8.28 3.79
N LEU B 344 -27.44 -8.65 4.82
CA LEU B 344 -25.98 -8.52 4.86
C LEU B 344 -25.33 -9.83 4.41
N GLY B 345 -24.39 -9.73 3.46
CA GLY B 345 -23.66 -10.89 3.02
C GLY B 345 -24.50 -11.97 2.37
N GLY B 346 -25.72 -11.65 1.97
CA GLY B 346 -26.63 -12.63 1.40
C GLY B 346 -27.12 -13.68 2.38
N GLU B 347 -26.89 -13.51 3.68
CA GLU B 347 -27.17 -14.55 4.66
C GLU B 347 -27.85 -14.06 5.93
N TYR B 348 -27.66 -12.81 6.32
CA TYR B 348 -28.17 -12.30 7.60
C TYR B 348 -29.17 -11.18 7.35
N PRO B 349 -30.47 -11.45 7.37
CA PRO B 349 -31.45 -10.38 7.13
C PRO B 349 -31.44 -9.39 8.28
N LEU B 350 -31.54 -8.11 7.94
CA LEU B 350 -31.56 -7.05 8.94
C LEU B 350 -32.79 -6.18 8.76
N GLU B 351 -33.35 -5.74 9.88
CA GLU B 351 -34.48 -4.82 9.89
C GLU B 351 -34.01 -3.38 9.99
N LYS B 352 -34.73 -2.48 9.32
CA LYS B 352 -34.54 -1.04 9.52
C LYS B 352 -34.28 -0.74 10.98
N GLY B 353 -33.15 -0.10 11.28
CA GLY B 353 -32.80 0.26 12.62
C GLY B 353 -31.83 -0.66 13.32
N ASP B 354 -31.65 -1.89 12.83
CA ASP B 354 -30.71 -2.82 13.40
C ASP B 354 -29.29 -2.28 13.38
N GLU B 355 -28.60 -2.58 14.43
CA GLU B 355 -27.27 -2.06 14.56
C GLU B 355 -26.10 -2.99 14.39
N LEU B 356 -25.02 -2.43 13.89
CA LEU B 356 -23.81 -3.17 13.67
C LEU B 356 -22.59 -2.51 14.31
N MET B 357 -21.68 -3.31 14.84
CA MET B 357 -20.40 -2.80 15.33
C MET B 357 -19.30 -3.31 14.42
N VAL B 358 -18.41 -2.44 14.00
CA VAL B 358 -17.25 -2.79 13.18
C VAL B 358 -16.07 -2.94 14.13
N LEU B 359 -15.55 -4.18 14.27
CA LEU B 359 -14.44 -4.43 15.20
C LEU B 359 -13.13 -4.26 14.42
N ILE B 360 -12.60 -3.05 14.44
CA ILE B 360 -11.54 -2.67 13.49
C ILE B 360 -10.29 -3.53 13.67
N PRO B 361 -9.77 -3.75 14.87
CA PRO B 361 -8.56 -4.58 14.99
C PRO B 361 -8.74 -5.96 14.41
N GLN B 362 -9.97 -6.49 14.36
CA GLN B 362 -10.19 -7.81 13.79
C GLN B 362 -10.34 -7.76 12.27
N LEU B 363 -11.02 -6.74 11.75
CA LEU B 363 -11.02 -6.49 10.32
C LEU B 363 -9.59 -6.50 9.77
N HIS B 364 -8.70 -5.81 10.46
CA HIS B 364 -7.30 -5.64 10.10
C HIS B 364 -6.49 -6.91 10.23
N ARG B 365 -7.09 -7.98 10.73
CA ARG B 365 -6.45 -9.29 10.81
C ARG B 365 -7.15 -10.32 9.93
N ASP B 366 -7.94 -9.87 8.96
CA ASP B 366 -8.65 -10.75 8.05
C ASP B 366 -7.63 -11.43 7.13
N LYS B 367 -7.41 -12.72 7.33
CA LYS B 367 -6.34 -13.38 6.59
C LYS B 367 -6.65 -13.49 5.11
N THR B 368 -7.93 -13.43 4.71
CA THR B 368 -8.27 -13.49 3.30
C THR B 368 -7.83 -12.24 2.56
N ILE B 369 -7.58 -11.15 3.28
CA ILE B 369 -7.10 -9.90 2.72
C ILE B 369 -5.59 -9.77 2.85
N TRP B 370 -5.05 -10.02 4.04
CA TRP B 370 -3.69 -9.67 4.39
C TRP B 370 -2.71 -10.83 4.34
N GLY B 371 -3.20 -12.06 4.23
CA GLY B 371 -2.33 -13.23 4.26
C GLY B 371 -2.25 -13.81 5.66
N ASP B 372 -1.52 -14.92 5.76
CA ASP B 372 -1.48 -15.66 7.01
C ASP B 372 -0.63 -14.97 8.08
N ASP B 373 0.25 -14.05 7.71
CA ASP B 373 1.13 -13.38 8.66
C ASP B 373 0.53 -12.11 9.24
N VAL B 374 -0.78 -12.10 9.54
CA VAL B 374 -1.44 -10.87 9.97
C VAL B 374 -0.89 -10.34 11.29
N GLU B 375 -0.26 -11.17 12.12
CA GLU B 375 0.19 -10.66 13.40
C GLU B 375 1.57 -10.01 13.32
N GLU B 376 2.26 -10.19 12.21
CA GLU B 376 3.60 -9.64 12.08
C GLU B 376 3.55 -8.17 11.70
N PHE B 377 4.53 -7.40 12.19
CA PHE B 377 4.60 -5.96 11.90
C PHE B 377 5.44 -5.77 10.64
N ARG B 378 4.79 -5.37 9.55
CA ARG B 378 5.46 -5.27 8.25
C ARG B 378 4.97 -4.03 7.49
N PRO B 379 5.61 -2.89 7.69
CA PRO B 379 5.15 -1.67 6.99
C PRO B 379 5.10 -1.82 5.49
N GLU B 380 5.87 -2.76 4.92
CA GLU B 380 5.92 -2.91 3.47
C GLU B 380 4.58 -3.33 2.88
N ARG B 381 3.65 -3.83 3.70
CA ARG B 381 2.28 -4.05 3.24
C ARG B 381 1.67 -2.79 2.63
N PHE B 382 2.13 -1.62 3.07
CA PHE B 382 1.59 -0.35 2.61
C PHE B 382 2.50 0.36 1.62
N GLU B 383 3.48 -0.33 1.04
CA GLU B 383 4.37 0.33 0.09
C GLU B 383 3.62 0.80 -1.15
N ASN B 384 2.61 0.07 -1.57
CA ASN B 384 1.78 0.50 -2.68
C ASN B 384 0.35 0.63 -2.20
N PRO B 385 -0.14 1.86 -1.99
CA PRO B 385 -1.50 2.01 -1.44
C PRO B 385 -2.59 1.52 -2.39
N SER B 386 -2.27 1.26 -3.66
CA SER B 386 -3.27 0.74 -4.58
C SER B 386 -3.53 -0.76 -4.37
N ALA B 387 -2.64 -1.46 -3.67
CA ALA B 387 -2.82 -2.88 -3.43
C ALA B 387 -3.78 -3.19 -2.28
N ILE B 388 -4.13 -2.21 -1.45
CA ILE B 388 -5.07 -2.43 -0.34
C ILE B 388 -6.50 -2.39 -0.87
N PRO B 389 -7.28 -3.45 -0.73
CA PRO B 389 -8.66 -3.43 -1.25
C PRO B 389 -9.53 -2.42 -0.52
N GLN B 390 -10.58 -1.97 -1.21
CA GLN B 390 -11.47 -1.00 -0.57
C GLN B 390 -12.09 -1.60 0.70
N HIS B 391 -12.10 -0.80 1.77
CA HIS B 391 -12.74 -1.14 3.04
C HIS B 391 -12.01 -2.22 3.82
N ALA B 392 -10.78 -2.56 3.45
CA ALA B 392 -10.00 -3.49 4.25
C ALA B 392 -9.28 -2.80 5.40
N PHE B 393 -9.03 -1.50 5.27
CA PHE B 393 -8.21 -0.74 6.22
C PHE B 393 -9.00 0.48 6.62
N LYS B 394 -9.51 0.51 7.87
CA LYS B 394 -10.48 1.54 8.24
C LYS B 394 -10.16 2.17 9.60
N PRO B 395 -8.89 2.49 9.87
CA PRO B 395 -8.57 3.08 11.18
C PRO B 395 -9.21 4.44 11.43
N PHE B 396 -9.59 5.17 10.38
CA PHE B 396 -10.26 6.45 10.53
C PHE B 396 -11.75 6.37 10.17
N GLY B 397 -12.35 5.19 10.25
CA GLY B 397 -13.78 5.11 10.05
C GLY B 397 -14.17 5.13 8.57
N ASN B 398 -15.39 5.58 8.29
CA ASN B 398 -15.98 5.37 6.97
C ASN B 398 -16.72 6.59 6.44
N GLY B 399 -16.53 6.85 5.14
CA GLY B 399 -17.38 7.76 4.39
C GLY B 399 -17.44 9.16 4.95
N GLN B 400 -18.63 9.77 4.87
CA GLN B 400 -18.77 11.15 5.31
C GLN B 400 -18.62 11.29 6.82
N ARG B 401 -18.75 10.19 7.56
CA ARG B 401 -18.51 10.22 8.99
C ARG B 401 -17.12 9.72 9.36
N ALA B 402 -16.20 9.72 8.40
CA ALA B 402 -14.83 9.38 8.73
C ALA B 402 -14.20 10.47 9.58
N CYS B 403 -13.03 10.17 10.12
CA CYS B 403 -12.34 11.08 11.01
C CYS B 403 -11.97 12.38 10.29
N ILE B 404 -12.52 13.50 10.75
CA ILE B 404 -12.14 14.78 10.15
C ILE B 404 -10.71 15.14 10.48
N GLY B 405 -10.13 14.54 11.52
CA GLY B 405 -8.79 14.85 11.98
C GLY B 405 -7.70 13.99 11.41
N GLN B 406 -8.00 13.22 10.35
CA GLN B 406 -7.05 12.24 9.84
C GLN B 406 -5.76 12.92 9.39
N GLN B 407 -5.86 13.97 8.57
CA GLN B 407 -4.64 14.63 8.08
C GLN B 407 -3.85 15.23 9.23
N PHE B 408 -4.56 15.81 10.21
CA PHE B 408 -3.94 16.39 11.39
C PHE B 408 -3.16 15.34 12.19
N ALA B 409 -3.81 14.24 12.57
CA ALA B 409 -3.13 13.21 13.35
C ALA B 409 -1.91 12.66 12.63
N LEU B 410 -2.04 12.37 11.33
CA LEU B 410 -0.93 11.76 10.60
C LEU B 410 0.20 12.73 10.39
N HIS B 411 -0.10 14.00 10.24
CA HIS B 411 0.99 14.96 10.04
C HIS B 411 1.74 15.16 11.34
N GLU B 412 1.00 15.38 12.43
CA GLU B 412 1.61 15.47 13.76
C GLU B 412 2.43 14.22 14.07
N ALA B 413 1.87 13.04 13.80
CA ALA B 413 2.55 11.80 14.12
C ALA B 413 3.78 11.57 13.24
N THR B 414 3.67 11.90 11.96
CA THR B 414 4.80 11.69 11.05
C THR B 414 5.93 12.66 11.41
N LEU B 415 5.58 13.90 11.73
CA LEU B 415 6.59 14.88 12.10
C LEU B 415 7.38 14.44 13.32
N VAL B 416 6.71 14.05 14.40
CA VAL B 416 7.49 13.82 15.61
C VAL B 416 8.20 12.49 15.53
N LEU B 417 7.60 11.48 14.89
CA LEU B 417 8.31 10.22 14.72
C LEU B 417 9.55 10.40 13.86
N GLY B 418 9.44 11.19 12.79
CA GLY B 418 10.61 11.47 11.97
C GLY B 418 11.70 12.17 12.75
N MET B 419 11.33 13.15 13.58
CA MET B 419 12.33 13.82 14.39
C MET B 419 12.95 12.85 15.40
N MET B 420 12.12 12.05 16.06
CA MET B 420 12.63 11.06 17.01
C MET B 420 13.68 10.16 16.36
N LEU B 421 13.39 9.68 15.15
CA LEU B 421 14.28 8.73 14.50
C LEU B 421 15.55 9.41 13.99
N LYS B 422 15.48 10.71 13.66
CA LYS B 422 16.67 11.45 13.25
C LYS B 422 17.60 11.68 14.43
N HIS B 423 17.05 11.95 15.61
CA HIS B 423 17.85 12.46 16.71
C HIS B 423 18.30 11.41 17.71
N PHE B 424 17.70 10.20 17.73
CA PHE B 424 18.02 9.22 18.76
C PHE B 424 18.13 7.81 18.18
N ASP B 425 18.99 7.00 18.82
CA ASP B 425 18.86 5.55 18.75
C ASP B 425 18.11 5.05 19.98
N PHE B 426 17.37 3.94 19.80
CA PHE B 426 16.43 3.46 20.80
C PHE B 426 16.77 2.04 21.26
N GLU B 427 16.66 1.84 22.57
CA GLU B 427 16.92 0.58 23.23
C GLU B 427 15.67 0.14 23.98
N ASP B 428 15.19 -1.07 23.69
CA ASP B 428 14.16 -1.75 24.47
C ASP B 428 14.84 -2.38 25.68
N HIS B 429 15.25 -1.53 26.62
CA HIS B 429 16.20 -1.98 27.64
C HIS B 429 15.59 -2.93 28.66
N THR B 430 14.27 -3.06 28.71
CA THR B 430 13.62 -3.98 29.64
C THR B 430 13.02 -5.19 28.93
N ASN B 431 13.17 -5.30 27.62
CA ASN B 431 12.46 -6.33 26.84
C ASN B 431 10.98 -6.30 27.22
N TYR B 432 10.41 -5.11 27.03
CA TYR B 432 9.03 -4.82 27.41
C TYR B 432 8.05 -5.85 26.85
N GLU B 433 7.20 -6.40 27.74
CA GLU B 433 6.11 -7.30 27.36
C GLU B 433 4.86 -6.47 27.11
N LEU B 434 4.30 -6.57 25.91
CA LEU B 434 3.19 -5.69 25.56
C LEU B 434 2.01 -5.98 26.46
N ASP B 435 1.46 -4.93 27.06
CA ASP B 435 0.29 -5.00 27.94
C ASP B 435 -0.58 -3.83 27.54
N ILE B 436 -1.69 -4.10 26.87
CA ILE B 436 -2.50 -3.03 26.31
C ILE B 436 -3.56 -2.66 27.35
N LYS B 437 -3.41 -1.48 27.95
CA LYS B 437 -4.42 -0.94 28.85
C LYS B 437 -5.54 -0.31 28.01
N GLU B 438 -6.79 -0.62 28.35
CA GLU B 438 -7.94 -0.11 27.63
C GLU B 438 -8.66 0.93 28.47
N THR B 439 -9.01 2.03 27.82
CA THR B 439 -9.95 3.01 28.33
C THR B 439 -11.05 2.99 27.29
N LEU B 440 -11.42 4.13 26.73
CA LEU B 440 -12.11 4.07 25.46
C LEU B 440 -11.12 4.03 24.31
N THR B 441 -9.81 4.14 24.60
CA THR B 441 -8.78 3.95 23.59
C THR B 441 -7.78 2.93 24.11
N LEU B 442 -6.65 2.73 23.41
CA LEU B 442 -5.71 1.66 23.74
C LEU B 442 -4.32 2.27 23.86
N LYS B 443 -3.51 1.71 24.75
CA LYS B 443 -2.13 2.17 24.86
C LYS B 443 -1.25 1.05 25.39
N PRO B 444 0.03 1.03 25.00
CA PRO B 444 0.97 0.07 25.60
C PRO B 444 1.43 0.48 27.00
N GLU B 445 0.75 -0.05 28.02
CA GLU B 445 0.96 0.39 29.40
C GLU B 445 2.33 -0.01 29.92
N GLY B 446 3.05 0.97 30.50
CA GLY B 446 4.36 0.74 31.06
C GLY B 446 5.47 0.67 30.04
N PHE B 447 5.20 1.01 28.78
CA PHE B 447 6.20 0.92 27.73
C PHE B 447 7.28 1.96 27.99
N VAL B 448 8.52 1.49 28.13
CA VAL B 448 9.64 2.36 28.43
C VAL B 448 10.76 1.99 27.47
N VAL B 449 11.57 3.00 27.09
CA VAL B 449 12.78 2.79 26.32
C VAL B 449 13.88 3.73 26.81
N LYS B 450 15.10 3.46 26.40
CA LYS B 450 16.20 4.40 26.50
C LYS B 450 16.47 4.98 25.12
N ALA B 451 16.80 6.26 25.08
CA ALA B 451 17.11 6.94 23.84
C ALA B 451 18.48 7.58 23.96
N LYS B 452 19.42 7.12 23.14
CA LYS B 452 20.76 7.69 23.12
C LYS B 452 20.87 8.70 21.99
N SER B 453 21.22 9.93 22.34
CA SER B 453 21.27 11.00 21.36
C SER B 453 22.32 10.71 20.29
N LYS B 454 21.96 10.97 19.05
CA LYS B 454 22.91 10.99 17.96
C LYS B 454 23.66 12.33 17.88
N LYS B 455 23.33 13.29 18.75
CA LYS B 455 24.07 14.55 18.85
C LYS B 455 23.98 15.37 17.57
N ILE B 456 22.77 15.55 17.07
CA ILE B 456 22.51 16.41 15.93
C ILE B 456 21.77 17.64 16.43
N PRO B 457 22.35 18.84 16.33
CA PRO B 457 21.73 20.00 16.96
C PRO B 457 20.43 20.42 16.27
N LEU B 458 19.56 21.06 17.05
CA LEU B 458 18.36 21.70 16.52
C LEU B 458 18.58 23.18 16.20
N LEU B 459 19.81 23.66 16.31
CA LEU B 459 20.11 25.07 16.06
C LEU B 459 20.48 25.30 14.60
#